data_5YC1
#
_entry.id   5YC1
#
_cell.length_a   56.716
_cell.length_b   88.594
_cell.length_c   120.757
_cell.angle_alpha   90.00
_cell.angle_beta   93.62
_cell.angle_gamma   90.00
#
_symmetry.space_group_name_H-M   'P 1 21 1'
#
loop_
_entity.id
_entity.type
_entity.pdbx_description
1 polymer 'TNF receptor-associated factor 4'
2 polymer 'GPIb peptide'
3 water water
#
loop_
_entity_poly.entity_id
_entity_poly.type
_entity_poly.pdbx_seq_one_letter_code
_entity_poly.pdbx_strand_id
1 'polypeptide(L)'
;QELQELRRELEELSVGSDGVLIWKIGSYGRRLQEAKAKPNLECFSPAFYTHKYGYKLQVSAFLNGNGSGEGTHLSLYIRV
LPGAFDNLLEWPFARRVTFSLLDQSDPGLAKPQHVTETFHPDPNWKNFQKPGTWRGSLDESSLGFGYPKFISHQDIRKRN
YVRDDAVFIRAAVELPRKILS
;
A,B,C,D,E,F
2 'polypeptide(L)' RLRAR G,I,K
#
# COMPACT_ATOMS: atom_id res chain seq x y z
N ARG A 7 42.52 -10.78 3.21
CA ARG A 7 43.02 -10.36 1.90
C ARG A 7 43.01 -11.51 0.87
N ARG A 8 43.31 -12.74 1.28
CA ARG A 8 43.13 -13.88 0.37
C ARG A 8 41.63 -14.16 0.22
N GLU A 9 40.86 -13.79 1.24
CA GLU A 9 39.42 -13.92 1.14
C GLU A 9 38.88 -12.77 0.28
N LEU A 10 39.79 -11.86 -0.10
CA LEU A 10 39.47 -10.79 -1.05
C LEU A 10 39.69 -11.38 -2.44
N GLU A 11 40.77 -12.13 -2.58
CA GLU A 11 41.06 -12.81 -3.84
C GLU A 11 40.02 -13.92 -4.15
N GLU A 12 39.19 -14.29 -3.18
CA GLU A 12 38.24 -15.36 -3.44
C GLU A 12 36.95 -14.74 -3.95
N LEU A 13 36.79 -13.45 -3.72
CA LEU A 13 35.68 -12.67 -4.25
C LEU A 13 35.92 -12.22 -5.70
N SER A 14 37.12 -12.48 -6.21
CA SER A 14 37.52 -12.03 -7.53
C SER A 14 37.02 -12.97 -8.61
N VAL A 15 35.81 -12.69 -9.10
CA VAL A 15 35.18 -13.55 -10.09
C VAL A 15 34.92 -12.80 -11.38
N GLY A 16 35.11 -13.48 -12.51
CA GLY A 16 35.00 -12.85 -13.79
C GLY A 16 33.54 -12.53 -14.05
N SER A 17 33.31 -11.53 -14.90
CA SER A 17 31.97 -11.08 -15.20
C SER A 17 31.64 -11.64 -16.55
N ASP A 18 30.77 -12.64 -16.57
CA ASP A 18 30.57 -13.49 -17.74
C ASP A 18 31.93 -14.00 -18.20
N GLY A 19 32.76 -14.38 -17.24
CA GLY A 19 34.05 -14.99 -17.52
C GLY A 19 35.10 -13.99 -18.00
N VAL A 20 34.87 -12.70 -17.73
CA VAL A 20 35.75 -11.62 -18.19
C VAL A 20 36.46 -10.91 -17.04
N LEU A 21 37.79 -10.78 -17.16
CA LEU A 21 38.57 -9.93 -16.28
C LEU A 21 39.04 -8.70 -17.05
N ILE A 22 38.84 -7.52 -16.47
CA ILE A 22 39.44 -6.34 -17.07
C ILE A 22 40.47 -5.81 -16.10
N TRP A 23 41.72 -5.76 -16.57
CA TRP A 23 42.86 -5.42 -15.74
C TRP A 23 43.43 -4.09 -16.19
N LYS A 24 43.45 -3.14 -15.28
CA LYS A 24 43.98 -1.84 -15.59
C LYS A 24 45.44 -1.76 -15.11
N ILE A 25 46.34 -1.49 -16.03
CA ILE A 25 47.72 -1.25 -15.65
C ILE A 25 47.94 0.25 -15.70
N GLY A 26 47.90 0.88 -14.52
CA GLY A 26 48.15 2.31 -14.40
C GLY A 26 49.64 2.61 -14.22
N SER A 27 50.00 3.88 -14.27
CA SER A 27 51.40 4.30 -14.26
C SER A 27 52.12 3.64 -15.42
N TYR A 28 51.51 3.65 -16.60
CA TYR A 28 52.07 2.89 -17.70
C TYR A 28 53.48 3.35 -18.02
N GLY A 29 53.66 4.67 -18.11
CA GLY A 29 54.94 5.25 -18.50
C GLY A 29 56.11 4.77 -17.67
N ARG A 30 55.95 4.87 -16.35
CA ARG A 30 56.93 4.46 -15.34
C ARG A 30 57.24 2.98 -15.34
N ARG A 31 56.19 2.16 -15.39
CA ARG A 31 56.32 0.71 -15.31
C ARG A 31 57.05 0.18 -16.56
N LEU A 32 56.86 0.86 -17.70
CA LEU A 32 57.59 0.48 -18.89
C LEU A 32 59.10 0.72 -18.69
N GLN A 33 59.45 1.84 -18.04
CA GLN A 33 60.84 2.17 -17.72
C GLN A 33 61.46 1.15 -16.79
N GLU A 34 60.71 0.70 -15.79
CA GLU A 34 61.26 -0.31 -14.89
C GLU A 34 61.46 -1.62 -15.67
N ALA A 35 60.57 -1.86 -16.63
CA ALA A 35 60.58 -3.09 -17.42
C ALA A 35 61.72 -3.08 -18.43
N LYS A 36 62.15 -1.90 -18.85
CA LYS A 36 63.37 -1.80 -19.66
C LYS A 36 64.64 -2.04 -18.80
N ALA A 37 64.66 -1.47 -17.60
CA ALA A 37 65.79 -1.62 -16.68
C ALA A 37 66.01 -3.05 -16.16
N LYS A 38 64.93 -3.84 -16.12
CA LYS A 38 64.95 -5.20 -15.57
C LYS A 38 64.32 -6.17 -16.54
N PRO A 39 65.13 -7.07 -17.11
CA PRO A 39 64.68 -7.99 -18.17
C PRO A 39 63.54 -8.96 -17.79
N ASN A 40 63.43 -9.40 -16.54
CA ASN A 40 62.32 -10.30 -16.21
C ASN A 40 61.25 -9.65 -15.36
N LEU A 41 60.95 -8.37 -15.64
CA LEU A 41 59.93 -7.70 -14.85
C LEU A 41 58.54 -8.00 -15.41
N GLU A 42 57.77 -8.69 -14.58
CA GLU A 42 56.46 -9.22 -14.91
C GLU A 42 55.39 -8.53 -14.08
N CYS A 43 54.36 -7.99 -14.70
CA CYS A 43 53.21 -7.47 -13.98
C CYS A 43 52.15 -8.56 -13.83
N PHE A 44 51.49 -8.61 -12.68
CA PHE A 44 50.44 -9.59 -12.43
C PHE A 44 49.04 -8.99 -12.22
N SER A 45 48.04 -9.56 -12.89
CA SER A 45 46.64 -9.22 -12.61
C SER A 45 46.23 -9.84 -11.28
N PRO A 46 45.11 -9.39 -10.71
CA PRO A 46 44.63 -10.23 -9.60
C PRO A 46 44.23 -11.61 -10.07
N ALA A 47 44.37 -12.62 -9.21
CA ALA A 47 43.80 -13.91 -9.49
C ALA A 47 42.30 -13.71 -9.62
N PHE A 48 41.67 -14.47 -10.49
CA PHE A 48 40.23 -14.39 -10.63
C PHE A 48 39.70 -15.75 -11.01
N TYR A 49 38.41 -15.96 -10.71
CA TYR A 49 37.67 -17.18 -11.03
C TYR A 49 36.90 -16.99 -12.32
N THR A 50 36.92 -18.03 -13.14
CA THR A 50 36.22 -18.01 -14.41
C THR A 50 34.72 -17.78 -14.19
N HIS A 51 34.21 -18.46 -13.19
CA HIS A 51 32.83 -18.34 -12.74
C HIS A 51 32.90 -18.69 -11.28
N LYS A 52 31.83 -18.46 -10.56
CA LYS A 52 31.86 -18.53 -9.11
C LYS A 52 32.56 -19.75 -8.54
N TYR A 53 32.15 -20.93 -8.93
CA TYR A 53 32.82 -22.12 -8.42
C TYR A 53 33.72 -22.79 -9.45
N GLY A 54 34.47 -21.95 -10.18
CA GLY A 54 35.28 -22.44 -11.28
C GLY A 54 36.79 -22.35 -11.15
N TYR A 55 37.43 -22.27 -12.30
CA TYR A 55 38.86 -22.24 -12.38
C TYR A 55 39.42 -20.93 -11.86
N LYS A 56 40.52 -20.99 -11.13
CA LYS A 56 41.25 -19.79 -10.75
C LYS A 56 42.39 -19.50 -11.74
N LEU A 57 42.32 -18.32 -12.37
CA LEU A 57 43.31 -17.92 -13.35
C LEU A 57 44.02 -16.64 -12.94
N GLN A 58 45.12 -16.34 -13.60
CA GLN A 58 45.76 -15.07 -13.38
C GLN A 58 46.40 -14.64 -14.68
N VAL A 59 46.30 -13.35 -15.00
CA VAL A 59 46.93 -12.83 -16.21
C VAL A 59 48.24 -12.19 -15.82
N SER A 60 49.24 -12.34 -16.68
CA SER A 60 50.47 -11.61 -16.50
C SER A 60 50.90 -10.92 -17.80
N ALA A 61 51.58 -9.79 -17.64
CA ALA A 61 52.02 -9.02 -18.78
C ALA A 61 53.49 -8.61 -18.61
N PHE A 62 54.22 -8.56 -19.71
CA PHE A 62 55.56 -7.97 -19.72
C PHE A 62 55.51 -6.72 -20.60
N LEU A 63 55.51 -5.53 -19.99
CA LEU A 63 55.36 -4.30 -20.75
C LEU A 63 56.49 -4.13 -21.77
N ASN A 64 57.64 -4.74 -21.48
CA ASN A 64 58.74 -4.65 -22.40
C ASN A 64 59.10 -6.03 -22.94
N GLY A 65 58.12 -6.92 -22.98
CA GLY A 65 58.23 -8.16 -23.73
C GLY A 65 59.02 -9.28 -23.10
N ASN A 66 58.76 -10.48 -23.60
CA ASN A 66 59.32 -11.68 -23.04
C ASN A 66 59.53 -12.66 -24.16
N GLY A 67 60.55 -13.50 -24.06
CA GLY A 67 60.87 -14.45 -25.11
C GLY A 67 61.08 -13.74 -26.43
N SER A 68 60.39 -14.19 -27.46
CA SER A 68 60.51 -13.63 -28.80
C SER A 68 60.06 -12.20 -28.89
N GLY A 69 59.41 -11.72 -27.84
CA GLY A 69 58.89 -10.36 -27.83
C GLY A 69 59.78 -9.46 -26.99
N GLU A 70 60.88 -9.99 -26.46
CA GLU A 70 61.70 -9.20 -25.52
C GLU A 70 62.31 -7.97 -26.16
N GLY A 71 62.02 -6.81 -25.55
CA GLY A 71 62.51 -5.54 -26.02
C GLY A 71 61.66 -4.87 -27.09
N THR A 72 60.74 -5.63 -27.69
CA THR A 72 60.02 -5.12 -28.86
C THR A 72 58.49 -5.07 -28.71
N HIS A 73 57.94 -5.91 -27.84
CA HIS A 73 56.49 -6.06 -27.73
C HIS A 73 55.95 -6.04 -26.30
N LEU A 74 54.64 -5.89 -26.19
CA LEU A 74 53.92 -6.24 -24.96
C LEU A 74 53.69 -7.75 -25.01
N SER A 75 54.02 -8.46 -23.94
CA SER A 75 53.67 -9.90 -23.89
C SER A 75 52.58 -10.16 -22.84
N LEU A 76 51.60 -10.99 -23.21
CA LEU A 76 50.43 -11.25 -22.38
C LEU A 76 50.32 -12.76 -22.18
N TYR A 77 50.21 -13.18 -20.93
CA TYR A 77 50.12 -14.60 -20.65
C TYR A 77 49.01 -14.88 -19.65
N ILE A 78 48.50 -16.10 -19.65
CA ILE A 78 47.54 -16.49 -18.63
C ILE A 78 47.94 -17.82 -18.04
N ARG A 79 47.64 -18.05 -16.78
CA ARG A 79 47.97 -19.31 -16.17
C ARG A 79 46.89 -19.76 -15.21
N VAL A 80 46.81 -21.07 -15.06
CA VAL A 80 45.90 -21.65 -14.09
C VAL A 80 46.56 -21.68 -12.71
N LEU A 81 45.82 -21.26 -11.69
CA LEU A 81 46.33 -21.35 -10.30
C LEU A 81 45.58 -22.42 -9.48
N PRO A 82 46.21 -22.93 -8.41
CA PRO A 82 45.43 -23.79 -7.50
C PRO A 82 44.18 -23.04 -6.99
N GLY A 83 43.03 -23.65 -7.17
CA GLY A 83 41.77 -23.08 -6.74
C GLY A 83 41.11 -24.02 -5.73
N ALA A 84 40.24 -23.45 -4.89
CA ALA A 84 39.54 -24.19 -3.85
C ALA A 84 38.68 -25.32 -4.41
N PHE A 85 38.18 -25.14 -5.62
CA PHE A 85 37.16 -26.02 -6.19
C PHE A 85 37.71 -26.87 -7.32
N ASP A 86 39.03 -27.03 -7.37
CA ASP A 86 39.67 -27.77 -8.47
C ASP A 86 39.13 -29.22 -8.59
N ASN A 87 38.79 -29.86 -7.47
CA ASN A 87 38.33 -31.24 -7.49
C ASN A 87 36.95 -31.44 -8.13
N LEU A 88 36.22 -30.34 -8.36
CA LEU A 88 34.89 -30.41 -8.96
C LEU A 88 34.88 -30.06 -10.43
N LEU A 89 36.07 -29.83 -10.99
CA LEU A 89 36.18 -29.28 -12.33
C LEU A 89 36.78 -30.29 -13.31
N GLU A 90 36.57 -30.08 -14.61
CA GLU A 90 37.17 -30.90 -15.65
C GLU A 90 38.63 -30.55 -15.87
N TRP A 91 39.47 -31.56 -16.03
CA TRP A 91 40.88 -31.33 -16.36
C TRP A 91 41.28 -32.17 -17.58
N PRO A 92 42.15 -31.65 -18.45
CA PRO A 92 42.83 -30.35 -18.32
C PRO A 92 41.90 -29.19 -18.62
N PHE A 93 42.29 -28.00 -18.15
CA PHE A 93 41.61 -26.74 -18.43
C PHE A 93 41.60 -26.56 -19.94
N ALA A 94 40.42 -26.35 -20.51
CA ALA A 94 40.28 -26.40 -21.96
C ALA A 94 39.36 -25.30 -22.54
N ARG A 95 39.09 -24.28 -21.74
CA ARG A 95 38.15 -23.24 -22.14
C ARG A 95 38.89 -22.21 -23.01
N ARG A 96 38.25 -21.69 -24.06
CA ARG A 96 38.93 -20.76 -24.95
C ARG A 96 39.18 -19.41 -24.28
N VAL A 97 40.40 -18.91 -24.47
CA VAL A 97 40.84 -17.67 -23.87
C VAL A 97 41.05 -16.60 -24.91
N THR A 98 40.51 -15.42 -24.64
CA THR A 98 40.63 -14.29 -25.56
C THR A 98 41.26 -13.09 -24.90
N PHE A 99 42.39 -12.65 -25.42
CA PHE A 99 43.01 -11.43 -24.91
C PHE A 99 42.67 -10.21 -25.75
N SER A 100 42.46 -9.10 -25.06
CA SER A 100 42.27 -7.82 -25.75
C SER A 100 43.02 -6.73 -25.02
N LEU A 101 43.79 -5.96 -25.77
CA LEU A 101 44.30 -4.69 -25.27
C LEU A 101 43.28 -3.66 -25.75
N LEU A 102 42.64 -2.96 -24.82
CA LEU A 102 41.50 -2.12 -25.19
C LEU A 102 41.87 -0.77 -25.80
N ASP A 103 41.17 -0.41 -26.86
CA ASP A 103 41.28 0.94 -27.40
C ASP A 103 40.36 1.85 -26.61
N GLN A 104 40.95 2.77 -25.85
CA GLN A 104 40.18 3.60 -24.92
C GLN A 104 39.58 4.82 -25.61
N SER A 105 38.81 4.62 -26.67
CA SER A 105 38.12 5.75 -27.29
C SER A 105 36.67 5.74 -26.84
N ASP A 106 36.03 6.90 -26.81
CA ASP A 106 34.60 6.94 -26.50
C ASP A 106 33.81 6.18 -27.56
N PRO A 107 33.07 5.15 -27.13
CA PRO A 107 32.21 4.30 -27.97
C PRO A 107 31.02 5.07 -28.55
N GLY A 108 30.90 6.34 -28.16
CA GLY A 108 29.88 7.22 -28.71
C GLY A 108 30.40 7.96 -29.95
N LEU A 109 31.72 8.00 -30.12
CA LEU A 109 32.28 8.66 -31.29
C LEU A 109 32.47 7.68 -32.44
N ALA A 110 33.32 6.69 -32.23
CA ALA A 110 33.52 5.59 -33.16
C ALA A 110 33.67 4.26 -32.43
N LYS A 111 33.26 3.17 -33.07
CA LYS A 111 33.46 1.83 -32.54
C LYS A 111 34.96 1.51 -32.34
N PRO A 112 35.46 1.58 -31.09
CA PRO A 112 36.88 1.39 -30.76
C PRO A 112 37.46 0.10 -31.34
N GLN A 113 38.72 0.14 -31.79
CA GLN A 113 39.38 -1.03 -32.36
C GLN A 113 40.34 -1.71 -31.40
N HIS A 114 39.85 -2.76 -30.75
CA HIS A 114 40.67 -3.49 -29.81
C HIS A 114 41.66 -4.38 -30.55
N VAL A 115 42.84 -4.56 -29.99
CA VAL A 115 43.77 -5.56 -30.47
C VAL A 115 43.41 -6.87 -29.76
N THR A 116 43.08 -7.90 -30.51
CA THR A 116 42.49 -9.10 -29.94
C THR A 116 43.05 -10.38 -30.54
N GLU A 117 43.37 -11.35 -29.68
CA GLU A 117 43.80 -12.67 -30.11
C GLU A 117 43.07 -13.76 -29.29
N THR A 118 42.88 -14.94 -29.85
CA THR A 118 42.16 -15.98 -29.13
C THR A 118 42.85 -17.33 -29.27
N PHE A 119 42.90 -18.11 -28.21
CA PHE A 119 43.50 -19.40 -28.35
C PHE A 119 42.79 -20.44 -27.51
N HIS A 120 42.91 -21.66 -27.99
CA HIS A 120 42.47 -22.83 -27.31
C HIS A 120 43.64 -23.44 -26.56
N PRO A 121 43.48 -23.70 -25.25
CA PRO A 121 44.57 -24.29 -24.47
C PRO A 121 45.01 -25.63 -25.05
N ASP A 122 46.31 -25.82 -25.22
CA ASP A 122 46.82 -27.10 -25.68
C ASP A 122 46.89 -28.05 -24.49
N PRO A 123 46.23 -29.21 -24.59
CA PRO A 123 46.16 -30.18 -23.49
C PRO A 123 47.48 -30.90 -23.17
N ASN A 124 48.61 -30.40 -23.66
CA ASN A 124 49.90 -31.04 -23.39
C ASN A 124 50.74 -30.10 -22.55
N TRP A 125 50.23 -28.89 -22.32
CA TRP A 125 51.00 -27.93 -21.54
C TRP A 125 50.67 -28.18 -20.08
N LYS A 126 51.72 -28.12 -19.28
CA LYS A 126 51.65 -28.67 -17.95
C LYS A 126 50.75 -27.85 -17.06
N ASN A 127 50.77 -26.53 -17.26
CA ASN A 127 50.02 -25.65 -16.38
C ASN A 127 48.51 -25.75 -16.57
N PHE A 128 48.08 -26.25 -17.72
CA PHE A 128 46.66 -26.43 -17.96
C PHE A 128 46.15 -27.75 -17.38
N GLN A 129 47.05 -28.58 -16.88
CA GLN A 129 46.64 -29.79 -16.20
C GLN A 129 46.32 -29.51 -14.72
N LYS A 130 45.69 -30.48 -14.04
CA LYS A 130 45.23 -30.27 -12.67
C LYS A 130 46.41 -29.90 -11.80
N PRO A 131 46.33 -28.75 -11.11
CA PRO A 131 47.43 -28.24 -10.28
C PRO A 131 47.91 -29.24 -9.25
N GLY A 144 52.90 -19.75 -17.45
CA GLY A 144 52.13 -18.88 -18.33
C GLY A 144 52.08 -19.33 -19.79
N PHE A 145 50.95 -19.05 -20.43
CA PHE A 145 50.71 -19.37 -21.83
C PHE A 145 49.99 -18.23 -22.52
N GLY A 146 50.48 -17.82 -23.69
CA GLY A 146 49.90 -16.67 -24.35
C GLY A 146 50.74 -16.09 -25.48
N TYR A 147 50.81 -14.76 -25.57
CA TYR A 147 51.40 -14.12 -26.74
C TYR A 147 52.61 -13.27 -26.41
N PRO A 148 53.83 -13.77 -26.73
CA PRO A 148 55.06 -12.98 -26.53
C PRO A 148 55.06 -11.70 -27.35
N LYS A 149 54.46 -11.77 -28.53
CA LYS A 149 54.41 -10.63 -29.43
C LYS A 149 52.96 -10.20 -29.64
N PHE A 150 52.29 -9.81 -28.57
CA PHE A 150 50.87 -9.44 -28.62
C PHE A 150 50.64 -8.13 -29.38
N ILE A 151 51.39 -7.10 -29.01
CA ILE A 151 51.39 -5.83 -29.75
C ILE A 151 52.77 -5.17 -29.63
N SER A 152 53.26 -4.60 -30.73
CA SER A 152 54.57 -3.97 -30.77
C SER A 152 54.58 -2.61 -30.06
N HIS A 153 55.77 -2.15 -29.63
CA HIS A 153 55.87 -0.84 -28.95
C HIS A 153 55.39 0.30 -29.84
N GLN A 154 55.58 0.15 -31.14
CA GLN A 154 55.18 1.16 -32.09
C GLN A 154 53.66 1.16 -32.28
N ASP A 155 53.09 -0.02 -32.42
CA ASP A 155 51.64 -0.11 -32.58
C ASP A 155 50.90 0.35 -31.32
N ILE A 156 51.45 0.13 -30.12
CA ILE A 156 50.71 0.44 -28.90
C ILE A 156 50.54 1.96 -28.71
N ARG A 157 51.31 2.75 -29.44
CA ARG A 157 51.22 4.21 -29.33
C ARG A 157 50.23 4.79 -30.33
N LYS A 158 49.68 3.92 -31.17
CA LYS A 158 48.62 4.30 -32.08
C LYS A 158 47.31 4.40 -31.29
N ARG A 159 46.30 5.01 -31.89
CA ARG A 159 44.98 5.13 -31.30
C ARG A 159 45.01 5.54 -29.83
N ASN A 160 44.19 4.87 -29.00
CA ASN A 160 44.13 5.13 -27.56
C ASN A 160 44.38 3.89 -26.69
N TYR A 161 45.30 3.02 -27.09
CA TYR A 161 45.66 1.87 -26.27
C TYR A 161 46.34 2.36 -24.98
N VAL A 162 47.15 3.39 -25.10
CA VAL A 162 47.66 4.06 -23.93
C VAL A 162 46.97 5.39 -23.81
N ARG A 163 46.24 5.57 -22.70
CA ARG A 163 45.51 6.77 -22.42
C ARG A 163 45.53 7.06 -20.92
N ASP A 164 45.79 8.33 -20.58
CA ASP A 164 45.97 8.74 -19.20
C ASP A 164 46.97 7.84 -18.49
N ASP A 165 48.01 7.45 -19.21
CA ASP A 165 49.09 6.63 -18.67
C ASP A 165 48.62 5.30 -18.04
N ALA A 166 47.65 4.67 -18.67
CA ALA A 166 47.15 3.40 -18.21
C ALA A 166 46.75 2.61 -19.43
N VAL A 167 46.79 1.29 -19.31
CA VAL A 167 46.29 0.41 -20.37
C VAL A 167 45.30 -0.59 -19.78
N PHE A 168 44.37 -1.03 -20.61
CA PHE A 168 43.42 -2.01 -20.15
C PHE A 168 43.67 -3.33 -20.85
N ILE A 169 43.94 -4.35 -20.05
CA ILE A 169 44.06 -5.71 -20.55
C ILE A 169 42.76 -6.46 -20.23
N ARG A 170 42.17 -7.12 -21.22
CA ARG A 170 40.98 -7.91 -20.94
C ARG A 170 41.26 -9.36 -21.27
N ALA A 171 40.93 -10.27 -20.35
CA ALA A 171 41.00 -11.71 -20.58
C ALA A 171 39.61 -12.25 -20.41
N ALA A 172 39.05 -12.80 -21.49
CA ALA A 172 37.70 -13.37 -21.42
C ALA A 172 37.79 -14.87 -21.62
N VAL A 173 37.20 -15.60 -20.69
CA VAL A 173 37.22 -17.06 -20.78
C VAL A 173 35.84 -17.55 -21.16
N GLU A 174 35.78 -18.29 -22.25
CA GLU A 174 34.52 -18.72 -22.81
C GLU A 174 33.89 -19.75 -21.88
N LEU A 175 32.72 -19.41 -21.36
CA LEU A 175 31.99 -20.31 -20.50
C LEU A 175 31.12 -21.22 -21.37
N PRO A 176 31.11 -22.53 -21.10
CA PRO A 176 30.20 -23.45 -21.79
C PRO A 176 28.74 -23.09 -21.53
N GLU B 11 32.48 -7.10 5.74
CA GLU B 11 32.77 -7.90 4.54
C GLU B 11 32.00 -9.20 4.51
N GLU B 12 31.32 -9.54 5.60
CA GLU B 12 30.59 -10.79 5.57
C GLU B 12 29.21 -10.52 4.99
N LEU B 13 28.79 -9.25 4.99
CA LEU B 13 27.63 -8.85 4.17
C LEU B 13 27.97 -8.96 2.69
N SER B 14 29.25 -9.15 2.37
CA SER B 14 29.72 -9.20 0.97
C SER B 14 29.64 -10.61 0.37
N VAL B 15 28.70 -11.43 0.86
CA VAL B 15 28.62 -12.85 0.49
C VAL B 15 27.26 -13.21 -0.18
N GLY B 16 26.74 -12.28 -0.99
CA GLY B 16 25.40 -12.44 -1.57
C GLY B 16 25.53 -13.39 -2.74
N SER B 17 24.52 -14.22 -3.02
CA SER B 17 24.72 -15.19 -4.10
C SER B 17 23.57 -15.37 -5.11
N ASP B 18 23.59 -16.52 -5.77
CA ASP B 18 22.66 -16.89 -6.83
C ASP B 18 21.20 -17.12 -6.41
N GLY B 19 20.99 -17.74 -5.25
CA GLY B 19 22.08 -18.06 -4.36
C GLY B 19 22.31 -19.52 -4.07
N VAL B 20 23.54 -19.94 -4.36
CA VAL B 20 24.00 -21.27 -4.08
C VAL B 20 25.20 -21.09 -3.18
N LEU B 21 25.26 -21.83 -2.09
CA LEU B 21 26.46 -21.82 -1.29
C LEU B 21 27.25 -23.13 -1.41
N ILE B 22 28.53 -23.03 -1.67
CA ILE B 22 29.35 -24.22 -1.60
C ILE B 22 30.28 -24.06 -0.41
N TRP B 23 30.11 -24.96 0.54
CA TRP B 23 30.84 -24.90 1.80
C TRP B 23 31.83 -26.06 1.80
N LYS B 24 33.10 -25.71 1.92
CA LYS B 24 34.16 -26.66 1.95
C LYS B 24 34.56 -26.89 3.39
N ILE B 25 34.45 -28.13 3.86
CA ILE B 25 34.94 -28.46 5.18
C ILE B 25 36.26 -29.18 5.04
N GLY B 26 37.35 -28.47 5.31
CA GLY B 26 38.66 -29.10 5.22
C GLY B 26 39.02 -29.74 6.54
N SER B 27 40.10 -30.52 6.55
CA SER B 27 40.51 -31.27 7.74
C SER B 27 39.39 -32.16 8.27
N TYR B 28 38.77 -32.92 7.38
CA TYR B 28 37.63 -33.74 7.72
C TYR B 28 37.97 -34.74 8.82
N GLY B 29 39.07 -35.47 8.63
CA GLY B 29 39.48 -36.50 9.57
C GLY B 29 39.59 -36.02 11.00
N ARG B 30 40.35 -34.94 11.19
CA ARG B 30 40.55 -34.36 12.51
C ARG B 30 39.25 -33.86 13.11
N ARG B 31 38.42 -33.17 12.32
CA ARG B 31 37.19 -32.63 12.87
C ARG B 31 36.16 -33.70 13.22
N LEU B 32 36.16 -34.78 12.43
CA LEU B 32 35.30 -35.93 12.67
C LEU B 32 35.65 -36.58 13.98
N GLN B 33 36.96 -36.67 14.21
CA GLN B 33 37.54 -37.19 15.43
C GLN B 33 37.16 -36.38 16.64
N GLU B 34 37.19 -35.06 16.48
CA GLU B 34 36.83 -34.17 17.56
C GLU B 34 35.34 -34.30 17.88
N ALA B 35 34.54 -34.57 16.85
CA ALA B 35 33.10 -34.72 17.03
C ALA B 35 32.74 -36.06 17.64
N LYS B 36 33.55 -37.09 17.42
CA LYS B 36 33.28 -38.37 18.06
C LYS B 36 33.57 -38.24 19.55
N ALA B 37 34.72 -37.64 19.87
CA ALA B 37 35.13 -37.43 21.26
C ALA B 37 34.22 -36.43 21.95
N LYS B 38 33.70 -35.50 21.17
CA LYS B 38 32.79 -34.47 21.67
C LYS B 38 31.53 -34.38 20.83
N PRO B 39 30.47 -35.01 21.32
CA PRO B 39 29.13 -35.09 20.73
C PRO B 39 28.41 -33.74 20.74
N ASN B 40 27.45 -33.59 19.82
CA ASN B 40 26.94 -32.27 19.45
C ASN B 40 28.00 -31.21 19.17
N LEU B 41 29.09 -31.61 18.51
CA LEU B 41 30.07 -30.66 18.01
C LEU B 41 29.58 -30.21 16.65
N GLU B 42 29.32 -28.91 16.52
CA GLU B 42 28.68 -28.41 15.32
C GLU B 42 29.67 -27.56 14.51
N CYS B 43 29.84 -27.91 13.23
CA CYS B 43 30.59 -27.09 12.29
C CYS B 43 29.66 -26.11 11.61
N PHE B 44 30.15 -24.88 11.39
CA PHE B 44 29.35 -23.83 10.76
C PHE B 44 29.91 -23.35 9.44
N SER B 45 29.01 -23.19 8.48
CA SER B 45 29.31 -22.54 7.22
C SER B 45 29.40 -21.05 7.45
N PRO B 46 29.98 -20.30 6.49
CA PRO B 46 29.80 -18.85 6.54
C PRO B 46 28.35 -18.49 6.37
N ALA B 47 27.90 -17.38 6.96
CA ALA B 47 26.61 -16.82 6.64
C ALA B 47 26.60 -16.43 5.17
N PHE B 48 25.46 -16.54 4.52
CA PHE B 48 25.35 -16.13 3.14
C PHE B 48 23.95 -15.62 2.87
N TYR B 49 23.84 -14.80 1.84
CA TYR B 49 22.56 -14.27 1.42
C TYR B 49 22.00 -15.11 0.32
N THR B 50 20.71 -15.39 0.39
CA THR B 50 20.06 -16.13 -0.65
C THR B 50 20.25 -15.33 -1.93
N HIS B 51 20.06 -14.03 -1.80
CA HIS B 51 20.25 -13.10 -2.91
C HIS B 51 20.58 -11.73 -2.38
N LYS B 52 21.01 -10.85 -3.28
CA LYS B 52 21.40 -9.52 -2.92
C LYS B 52 20.21 -8.81 -2.24
N TYR B 53 20.40 -8.43 -1.00
CA TYR B 53 19.40 -7.71 -0.18
C TYR B 53 18.27 -8.66 0.24
N GLY B 54 18.62 -9.93 0.46
CA GLY B 54 17.66 -10.97 0.79
C GLY B 54 17.91 -11.63 2.14
N TYR B 55 17.46 -12.87 2.27
CA TYR B 55 17.56 -13.60 3.54
C TYR B 55 19.00 -13.97 3.82
N LYS B 56 19.41 -13.84 5.07
CA LYS B 56 20.71 -14.32 5.49
C LYS B 56 20.54 -15.71 6.11
N LEU B 57 21.27 -16.69 5.56
CA LEU B 57 21.15 -18.05 6.03
C LEU B 57 22.48 -18.55 6.49
N GLN B 58 22.48 -19.66 7.22
CA GLN B 58 23.71 -20.32 7.61
C GLN B 58 23.45 -21.80 7.66
N VAL B 59 24.43 -22.58 7.18
CA VAL B 59 24.36 -24.04 7.21
C VAL B 59 25.25 -24.59 8.32
N SER B 60 24.77 -25.63 8.99
CA SER B 60 25.56 -26.28 9.99
C SER B 60 25.55 -27.78 9.79
N ALA B 61 26.60 -28.43 10.25
CA ALA B 61 26.79 -29.85 10.07
C ALA B 61 27.15 -30.52 11.38
N PHE B 62 26.73 -31.78 11.54
CA PHE B 62 27.29 -32.59 12.62
C PHE B 62 28.06 -33.75 12.00
N LEU B 63 29.39 -33.69 12.03
CA LEU B 63 30.17 -34.72 11.35
C LEU B 63 29.94 -36.10 11.99
N ASN B 64 29.63 -36.13 13.28
CA ASN B 64 29.35 -37.39 13.94
C ASN B 64 27.92 -37.46 14.42
N GLY B 65 27.06 -36.74 13.74
CA GLY B 65 25.63 -36.92 13.91
C GLY B 65 24.94 -36.27 15.08
N ASN B 66 23.63 -36.14 14.87
CA ASN B 66 22.74 -35.44 15.76
C ASN B 66 21.36 -36.12 15.68
N GLY B 67 20.62 -36.15 16.79
CA GLY B 67 19.35 -36.86 16.85
C GLY B 67 19.43 -38.33 16.46
N SER B 68 18.58 -38.76 15.52
CA SER B 68 18.58 -40.14 15.06
C SER B 68 19.93 -40.55 14.46
N GLY B 69 20.79 -39.58 14.18
CA GLY B 69 22.04 -39.85 13.49
C GLY B 69 23.35 -39.89 14.27
N GLU B 70 23.31 -39.67 15.58
CA GLU B 70 24.56 -39.59 16.34
C GLU B 70 25.42 -40.86 16.28
N GLY B 71 26.69 -40.71 15.93
CA GLY B 71 27.61 -41.84 15.85
C GLY B 71 27.59 -42.61 14.54
N THR B 72 26.55 -42.41 13.73
CA THR B 72 26.36 -43.18 12.50
C THR B 72 26.21 -42.34 11.22
N HIS B 73 25.79 -41.09 11.35
CA HIS B 73 25.49 -40.29 10.16
C HIS B 73 26.09 -38.89 10.22
N LEU B 74 26.15 -38.23 9.07
CA LEU B 74 26.35 -36.80 9.03
C LEU B 74 24.98 -36.13 9.10
N SER B 75 24.83 -35.12 9.95
CA SER B 75 23.57 -34.36 9.97
C SER B 75 23.74 -32.91 9.44
N LEU B 76 22.77 -32.49 8.64
CA LEU B 76 22.84 -31.27 7.90
C LEU B 76 21.64 -30.40 8.18
N TYR B 77 21.87 -29.14 8.55
CA TYR B 77 20.77 -28.19 8.85
C TYR B 77 21.00 -26.82 8.23
N ILE B 78 19.92 -26.05 8.13
CA ILE B 78 20.01 -24.65 7.76
C ILE B 78 19.12 -23.81 8.71
N ARG B 79 19.54 -22.59 9.00
CA ARG B 79 18.81 -21.70 9.90
C ARG B 79 18.88 -20.28 9.37
N VAL B 80 17.87 -19.48 9.72
CA VAL B 80 17.85 -18.07 9.36
C VAL B 80 18.62 -17.20 10.34
N LEU B 81 19.40 -16.27 9.82
CA LEU B 81 20.08 -15.33 10.68
C LEU B 81 19.38 -14.01 10.56
N PRO B 82 19.45 -13.19 11.62
CA PRO B 82 18.97 -11.81 11.48
C PRO B 82 19.79 -11.12 10.37
N GLY B 83 19.11 -10.54 9.40
CA GLY B 83 19.77 -9.86 8.30
C GLY B 83 19.38 -8.37 8.27
N ALA B 84 20.26 -7.56 7.70
CA ALA B 84 20.04 -6.13 7.64
C ALA B 84 18.76 -5.79 6.88
N PHE B 85 18.35 -6.69 6.00
CA PHE B 85 17.25 -6.34 5.11
C PHE B 85 15.99 -7.12 5.45
N ASP B 86 15.97 -7.72 6.64
CA ASP B 86 14.86 -8.58 7.04
C ASP B 86 13.51 -7.86 6.94
N ASN B 87 13.48 -6.55 7.24
CA ASN B 87 12.20 -5.84 7.23
C ASN B 87 11.62 -5.69 5.84
N LEU B 88 12.42 -5.99 4.82
CA LEU B 88 11.95 -5.86 3.45
C LEU B 88 11.49 -7.17 2.86
N LEU B 89 11.54 -8.24 3.65
CA LEU B 89 11.35 -9.58 3.09
C LEU B 89 10.05 -10.26 3.52
N GLU B 90 9.61 -11.24 2.74
CA GLU B 90 8.44 -12.02 3.11
C GLU B 90 8.80 -12.99 4.22
N TRP B 91 7.98 -13.03 5.25
CA TRP B 91 8.15 -13.99 6.34
C TRP B 91 6.82 -14.72 6.50
N PRO B 92 6.86 -16.02 6.86
CA PRO B 92 8.05 -16.81 7.19
C PRO B 92 8.82 -17.18 5.94
N PHE B 93 10.07 -17.59 6.11
CA PHE B 93 10.91 -18.04 5.00
C PHE B 93 10.30 -19.26 4.32
N ALA B 94 10.12 -19.20 3.01
CA ALA B 94 9.32 -20.21 2.31
C ALA B 94 9.98 -20.70 1.03
N ARG B 95 11.27 -20.47 0.88
CA ARG B 95 11.93 -20.90 -0.34
C ARG B 95 12.42 -22.34 -0.30
N ARG B 96 12.35 -23.01 -1.45
CA ARG B 96 12.83 -24.37 -1.56
C ARG B 96 14.35 -24.42 -1.27
N VAL B 97 14.76 -25.35 -0.42
CA VAL B 97 16.15 -25.54 -0.05
C VAL B 97 16.66 -26.91 -0.50
N THR B 98 17.83 -26.95 -1.14
CA THR B 98 18.43 -28.23 -1.56
C THR B 98 19.82 -28.43 -0.98
N PHE B 99 20.01 -29.53 -0.26
CA PHE B 99 21.32 -29.89 0.25
C PHE B 99 22.03 -30.91 -0.63
N SER B 100 23.34 -30.73 -0.82
CA SER B 100 24.14 -31.72 -1.50
C SER B 100 25.51 -31.92 -0.87
N LEU B 101 25.89 -33.16 -0.64
CA LEU B 101 27.27 -33.46 -0.33
C LEU B 101 27.90 -33.86 -1.65
N LEU B 102 28.90 -33.10 -2.09
CA LEU B 102 29.40 -33.31 -3.45
C LEU B 102 30.37 -34.49 -3.55
N ASP B 103 30.21 -35.27 -4.60
CA ASP B 103 31.19 -36.28 -4.99
C ASP B 103 32.28 -35.61 -5.84
N GLN B 104 33.50 -35.58 -5.32
CA GLN B 104 34.60 -34.85 -5.98
C GLN B 104 35.33 -35.66 -7.07
N SER B 105 34.60 -36.12 -8.08
CA SER B 105 35.23 -36.77 -9.23
C SER B 105 35.20 -35.85 -10.46
N ASP B 106 36.21 -35.99 -11.31
CA ASP B 106 36.31 -35.20 -12.55
C ASP B 106 35.08 -35.49 -13.43
N PRO B 107 34.25 -34.47 -13.69
CA PRO B 107 33.03 -34.69 -14.49
C PRO B 107 33.28 -35.04 -15.94
N GLY B 108 34.52 -34.96 -16.42
CA GLY B 108 34.82 -35.39 -17.78
C GLY B 108 35.24 -36.84 -17.75
N LEU B 109 35.69 -37.29 -16.58
CA LEU B 109 36.17 -38.65 -16.38
C LEU B 109 35.08 -39.60 -15.88
N ALA B 110 34.41 -39.25 -14.79
CA ALA B 110 33.25 -40.01 -14.34
C ALA B 110 32.16 -39.05 -13.89
N LYS B 111 30.90 -39.36 -14.18
CA LYS B 111 29.84 -38.46 -13.73
C LYS B 111 29.64 -38.68 -12.24
N PRO B 112 29.80 -37.61 -11.48
CA PRO B 112 29.77 -37.69 -10.02
C PRO B 112 28.39 -37.97 -9.50
N GLN B 113 28.29 -38.75 -8.44
CA GLN B 113 26.97 -39.01 -7.86
C GLN B 113 26.86 -38.25 -6.54
N HIS B 114 26.28 -37.05 -6.59
CA HIS B 114 26.14 -36.20 -5.40
C HIS B 114 25.05 -36.73 -4.51
N VAL B 115 25.19 -36.56 -3.19
CA VAL B 115 24.10 -36.92 -2.27
C VAL B 115 23.16 -35.73 -2.04
N THR B 116 21.89 -35.91 -2.39
CA THR B 116 21.01 -34.74 -2.48
C THR B 116 19.59 -34.88 -1.90
N GLU B 117 19.14 -33.88 -1.14
CA GLU B 117 17.74 -33.74 -0.73
C GLU B 117 17.19 -32.33 -0.84
N THR B 118 15.90 -32.25 -1.08
CA THR B 118 15.19 -30.99 -1.24
C THR B 118 13.95 -30.96 -0.38
N PHE B 119 13.66 -29.80 0.20
CA PHE B 119 12.46 -29.63 1.00
C PHE B 119 11.85 -28.25 0.89
N HIS B 120 10.55 -28.17 1.17
CA HIS B 120 9.87 -26.90 1.31
C HIS B 120 9.86 -26.57 2.77
N PRO B 121 10.20 -25.32 3.10
CA PRO B 121 10.24 -24.86 4.48
C PRO B 121 8.91 -25.03 5.17
N ASP B 122 9.00 -25.55 6.39
CA ASP B 122 7.89 -25.72 7.30
C ASP B 122 7.60 -24.39 8.00
N PRO B 123 6.37 -23.87 7.87
CA PRO B 123 6.06 -22.59 8.52
C PRO B 123 5.96 -22.62 10.06
N ASN B 124 7.03 -22.97 10.77
CA ASN B 124 7.05 -22.93 12.25
C ASN B 124 8.27 -22.29 12.95
N TRP B 125 9.48 -22.61 12.51
CA TRP B 125 10.70 -22.09 13.15
C TRP B 125 11.09 -20.72 12.57
N LYS B 126 11.70 -20.78 11.39
CA LYS B 126 12.32 -19.63 10.75
C LYS B 126 11.32 -18.57 10.28
N GLY B 144 17.44 -24.31 13.55
CA GLY B 144 17.95 -25.56 13.01
C GLY B 144 16.89 -26.40 12.32
N PHE B 145 17.00 -26.53 11.00
CA PHE B 145 16.10 -27.36 10.18
C PHE B 145 16.87 -28.26 9.18
N GLY B 146 16.61 -29.56 9.18
CA GLY B 146 17.32 -30.43 8.26
C GLY B 146 17.32 -31.94 8.51
N TYR B 147 18.46 -32.56 8.21
CA TYR B 147 18.56 -34.02 8.14
C TYR B 147 19.49 -34.65 9.15
N PRO B 148 18.92 -35.30 10.18
CA PRO B 148 19.70 -36.03 11.17
C PRO B 148 20.49 -37.14 10.49
N LYS B 149 19.90 -37.73 9.45
CA LYS B 149 20.53 -38.79 8.69
C LYS B 149 20.75 -38.41 7.22
N PHE B 150 21.64 -37.47 6.99
CA PHE B 150 21.82 -37.05 5.61
C PHE B 150 22.63 -38.11 4.87
N ILE B 151 23.75 -38.52 5.46
CA ILE B 151 24.55 -39.60 4.91
C ILE B 151 25.27 -40.33 6.01
N SER B 152 25.27 -41.65 5.93
CA SER B 152 25.92 -42.45 6.93
C SER B 152 27.43 -42.42 6.73
N HIS B 153 28.15 -42.71 7.80
CA HIS B 153 29.60 -42.76 7.80
C HIS B 153 30.10 -43.78 6.79
N GLN B 154 29.30 -44.81 6.55
CA GLN B 154 29.72 -45.86 5.63
C GLN B 154 29.67 -45.33 4.20
N ASP B 155 28.59 -44.65 3.87
CA ASP B 155 28.43 -44.07 2.55
C ASP B 155 29.42 -42.91 2.29
N ILE B 156 29.76 -42.15 3.34
CA ILE B 156 30.63 -41.00 3.11
C ILE B 156 32.05 -41.46 2.74
N ARG B 157 32.36 -42.74 2.94
CA ARG B 157 33.68 -43.24 2.61
C ARG B 157 33.74 -43.85 1.21
N LYS B 158 32.59 -43.92 0.54
CA LYS B 158 32.54 -44.28 -0.88
C LYS B 158 32.96 -43.14 -1.82
N ARG B 159 33.17 -43.51 -3.08
CA ARG B 159 33.46 -42.59 -4.17
C ARG B 159 34.51 -41.57 -3.76
N ASN B 160 34.22 -40.29 -3.99
CA ASN B 160 35.11 -39.20 -3.60
C ASN B 160 34.42 -38.12 -2.77
N TYR B 161 33.53 -38.51 -1.86
CA TYR B 161 32.89 -37.55 -0.97
C TYR B 161 33.92 -36.89 -0.06
N VAL B 162 34.88 -37.68 0.39
CA VAL B 162 36.04 -37.16 1.10
C VAL B 162 37.21 -37.26 0.15
N ARG B 163 37.82 -36.13 -0.18
CA ARG B 163 38.96 -36.10 -1.09
C ARG B 163 39.88 -34.98 -0.64
N ASP B 164 41.18 -35.27 -0.59
CA ASP B 164 42.19 -34.38 -0.03
C ASP B 164 41.78 -33.92 1.36
N ASP B 165 41.15 -34.82 2.09
CA ASP B 165 40.71 -34.61 3.47
C ASP B 165 39.74 -33.43 3.62
N ALA B 166 38.84 -33.27 2.65
CA ALA B 166 37.83 -32.23 2.69
C ALA B 166 36.51 -32.68 2.04
N VAL B 167 35.42 -32.08 2.48
CA VAL B 167 34.11 -32.34 1.89
C VAL B 167 33.48 -31.03 1.43
N PHE B 168 32.64 -31.15 0.42
CA PHE B 168 31.88 -30.03 -0.11
C PHE B 168 30.41 -30.22 0.20
N ILE B 169 29.87 -29.28 0.94
CA ILE B 169 28.45 -29.17 1.18
C ILE B 169 27.93 -28.07 0.33
N ARG B 170 26.86 -28.32 -0.41
CA ARG B 170 26.21 -27.31 -1.21
C ARG B 170 24.78 -27.10 -0.72
N ALA B 171 24.40 -25.84 -0.56
CA ALA B 171 23.02 -25.48 -0.26
C ALA B 171 22.49 -24.55 -1.34
N ALA B 172 21.46 -24.99 -2.04
CA ALA B 172 20.87 -24.20 -3.11
C ALA B 172 19.46 -23.75 -2.70
N VAL B 173 19.24 -22.44 -2.74
CA VAL B 173 17.93 -21.90 -2.42
C VAL B 173 17.31 -21.34 -3.69
N GLU B 174 16.13 -21.82 -4.06
CA GLU B 174 15.50 -21.39 -5.30
C GLU B 174 14.94 -19.98 -5.23
N LEU B 175 15.39 -19.11 -6.13
CA LEU B 175 14.77 -17.78 -6.22
C LEU B 175 13.53 -17.86 -7.10
N PRO B 176 12.45 -17.15 -6.70
CA PRO B 176 11.22 -17.04 -7.49
C PRO B 176 11.47 -16.46 -8.88
N GLU C 9 43.37 0.47 -0.07
CA GLU C 9 43.37 -0.86 0.54
C GLU C 9 41.97 -1.47 0.53
N LEU C 10 41.01 -0.79 -0.09
CA LEU C 10 39.64 -1.32 -0.17
C LEU C 10 39.25 -2.20 -1.38
N GLU C 11 37.94 -2.47 -1.46
CA GLU C 11 37.35 -3.43 -2.40
C GLU C 11 37.44 -3.11 -3.89
N GLU C 12 36.70 -2.08 -4.35
CA GLU C 12 36.16 -1.97 -5.74
C GLU C 12 35.05 -3.00 -6.05
N LEU C 13 34.88 -3.96 -5.15
CA LEU C 13 33.82 -4.96 -5.14
C LEU C 13 32.37 -4.44 -5.04
N SER C 14 32.21 -3.13 -4.83
CA SER C 14 30.90 -2.52 -4.61
C SER C 14 30.13 -2.28 -5.89
N VAL C 15 29.40 -3.30 -6.33
CA VAL C 15 28.66 -3.24 -7.57
C VAL C 15 27.18 -3.42 -7.28
N GLY C 16 26.32 -2.78 -8.07
CA GLY C 16 24.91 -2.99 -7.89
C GLY C 16 24.37 -4.28 -8.47
N SER C 17 23.37 -4.84 -7.79
CA SER C 17 22.67 -6.03 -8.26
C SER C 17 21.21 -5.69 -8.43
N ASP C 18 20.76 -5.52 -9.67
CA ASP C 18 21.62 -5.31 -10.81
C ASP C 18 21.25 -3.94 -11.41
N GLY C 19 22.17 -3.00 -11.25
CA GLY C 19 21.94 -1.58 -11.42
C GLY C 19 21.24 -0.97 -10.23
N VAL C 20 21.03 -1.78 -9.18
CA VAL C 20 20.32 -1.35 -7.97
C VAL C 20 21.21 -1.32 -6.74
N LEU C 21 21.27 -0.17 -6.08
CA LEU C 21 21.90 -0.04 -4.78
C LEU C 21 20.82 0.13 -3.71
N ILE C 22 20.94 -0.63 -2.63
CA ILE C 22 20.09 -0.37 -1.46
C ILE C 22 20.97 0.10 -0.31
N TRP C 23 20.65 1.30 0.14
CA TRP C 23 21.40 1.99 1.16
C TRP C 23 20.60 2.10 2.46
N LYS C 24 21.13 1.55 3.53
CA LYS C 24 20.44 1.62 4.80
C LYS C 24 20.99 2.75 5.66
N ILE C 25 20.14 3.70 6.03
CA ILE C 25 20.53 4.71 7.01
C ILE C 25 19.90 4.40 8.37
N GLY C 26 20.69 3.81 9.26
CA GLY C 26 20.24 3.54 10.62
C GLY C 26 20.61 4.67 11.57
N SER C 27 20.11 4.56 12.81
CA SER C 27 20.22 5.62 13.80
C SER C 27 19.58 6.87 13.24
N TYR C 28 18.39 6.70 12.64
CA TYR C 28 17.74 7.80 11.93
C TYR C 28 17.43 9.00 12.82
N GLY C 29 16.83 8.73 13.98
CA GLY C 29 16.45 9.77 14.93
C GLY C 29 17.63 10.65 15.31
N ARG C 30 18.73 10.01 15.70
CA ARG C 30 19.90 10.74 16.11
C ARG C 30 20.45 11.53 14.91
N ARG C 31 20.47 10.92 13.74
CA ARG C 31 21.06 11.54 12.55
C ARG C 31 20.23 12.73 12.05
N LEU C 32 18.91 12.66 12.24
CA LEU C 32 18.04 13.79 11.94
C LEU C 32 18.33 14.97 12.85
N GLN C 33 18.53 14.70 14.13
CA GLN C 33 18.86 15.74 15.10
C GLN C 33 20.21 16.40 14.70
N GLU C 34 21.18 15.60 14.27
CA GLU C 34 22.48 16.15 13.89
C GLU C 34 22.36 17.01 12.64
N ALA C 35 21.46 16.61 11.75
CA ALA C 35 21.25 17.31 10.51
C ALA C 35 20.51 18.63 10.71
N LYS C 36 19.67 18.69 11.73
CA LYS C 36 18.98 19.91 12.09
C LYS C 36 19.99 20.90 12.64
N ALA C 37 20.88 20.37 13.47
CA ALA C 37 21.94 21.14 14.12
C ALA C 37 22.98 21.64 13.14
N LYS C 38 23.23 20.89 12.07
CA LYS C 38 24.19 21.32 11.07
C LYS C 38 23.58 21.16 9.68
N PRO C 39 23.07 22.25 9.09
CA PRO C 39 22.38 22.15 7.79
C PRO C 39 23.27 21.76 6.61
N ASN C 40 24.58 21.91 6.76
CA ASN C 40 25.51 21.50 5.71
C ASN C 40 25.88 20.02 5.80
N LEU C 41 25.25 19.32 6.74
CA LEU C 41 25.56 17.90 6.93
C LEU C 41 24.80 17.00 5.96
N GLU C 42 25.58 16.31 5.15
CA GLU C 42 25.12 15.47 4.07
C GLU C 42 25.48 14.00 4.37
N CYS C 43 24.52 13.09 4.32
CA CYS C 43 24.83 11.64 4.42
C CYS C 43 25.15 11.00 3.07
N PHE C 44 26.16 10.13 3.03
CA PHE C 44 26.60 9.49 1.79
C PHE C 44 26.47 7.99 1.78
N SER C 45 25.96 7.46 0.68
CA SER C 45 25.98 6.03 0.48
C SER C 45 27.44 5.62 0.17
N PRO C 46 27.76 4.35 0.30
CA PRO C 46 29.05 3.99 -0.28
C PRO C 46 29.01 4.20 -1.79
N ALA C 47 30.16 4.50 -2.40
CA ALA C 47 30.26 4.51 -3.84
C ALA C 47 29.91 3.13 -4.38
N PHE C 48 29.28 3.09 -5.55
CA PHE C 48 29.00 1.83 -6.19
C PHE C 48 29.07 1.95 -7.70
N TYR C 49 29.37 0.82 -8.33
CA TYR C 49 29.41 0.72 -9.76
C TYR C 49 28.05 0.22 -10.19
N THR C 50 27.51 0.79 -11.27
CA THR C 50 26.21 0.35 -11.79
C THR C 50 26.28 -1.13 -12.20
N HIS C 51 27.39 -1.50 -12.81
CA HIS C 51 27.64 -2.88 -13.17
C HIS C 51 29.16 -3.05 -13.25
N LYS C 52 29.61 -4.31 -13.30
CA LYS C 52 31.01 -4.62 -13.33
C LYS C 52 31.58 -3.86 -14.51
N TYR C 53 32.59 -3.04 -14.24
CA TYR C 53 33.29 -2.24 -15.26
C TYR C 53 32.41 -1.12 -15.80
N GLY C 54 31.56 -0.55 -14.93
CA GLY C 54 30.62 0.48 -15.35
C GLY C 54 30.87 1.82 -14.69
N TYR C 55 29.83 2.64 -14.57
CA TYR C 55 29.98 3.96 -13.94
C TYR C 55 30.11 3.91 -12.42
N LYS C 56 30.98 4.72 -11.83
CA LYS C 56 30.96 4.83 -10.37
C LYS C 56 30.07 5.98 -9.89
N LEU C 57 29.05 5.63 -9.08
CA LEU C 57 28.07 6.58 -8.54
C LEU C 57 28.03 6.65 -7.02
N GLN C 58 27.38 7.70 -6.53
CA GLN C 58 27.20 7.81 -5.10
C GLN C 58 25.94 8.56 -4.80
N VAL C 59 25.21 8.10 -3.80
CA VAL C 59 23.97 8.72 -3.40
C VAL C 59 24.20 9.59 -2.21
N SER C 60 23.52 10.74 -2.16
CA SER C 60 23.57 11.51 -0.94
C SER C 60 22.17 11.93 -0.51
N ALA C 61 22.02 12.10 0.79
CA ALA C 61 20.77 12.48 1.42
C ALA C 61 20.98 13.60 2.44
N PHE C 62 20.03 14.52 2.54
CA PHE C 62 19.97 15.52 3.62
C PHE C 62 18.75 15.19 4.44
N LEU C 63 18.97 14.62 5.63
CA LEU C 63 17.87 14.13 6.44
C LEU C 63 16.93 15.26 6.85
N ASN C 64 17.46 16.47 6.94
CA ASN C 64 16.63 17.62 7.26
C ASN C 64 16.56 18.59 6.09
N GLY C 65 16.79 18.09 4.88
CA GLY C 65 16.58 18.88 3.68
C GLY C 65 17.68 19.85 3.30
N ASN C 66 17.64 20.27 2.04
CA ASN C 66 18.67 21.11 1.42
C ASN C 66 18.01 21.99 0.34
N GLY C 67 18.52 23.22 0.19
CA GLY C 67 17.92 24.17 -0.74
C GLY C 67 16.43 24.35 -0.44
N SER C 68 15.63 24.14 -1.47
CA SER C 68 14.19 24.29 -1.40
C SER C 68 13.50 23.37 -0.38
N GLY C 69 14.19 22.33 0.08
CA GLY C 69 13.56 21.38 0.99
C GLY C 69 14.00 21.48 2.44
N GLU C 70 14.91 22.40 2.73
CA GLU C 70 15.53 22.56 4.06
C GLU C 70 14.55 22.84 5.19
N GLY C 71 14.67 22.05 6.25
CA GLY C 71 13.84 22.17 7.42
C GLY C 71 12.53 21.41 7.32
N THR C 72 12.14 21.05 6.10
CA THR C 72 10.83 20.45 5.83
C THR C 72 10.83 19.08 5.14
N HIS C 73 11.89 18.74 4.42
CA HIS C 73 11.91 17.53 3.60
C HIS C 73 13.17 16.68 3.76
N LEU C 74 13.10 15.44 3.30
CA LEU C 74 14.29 14.65 3.01
C LEU C 74 14.70 15.03 1.60
N SER C 75 15.97 15.34 1.41
CA SER C 75 16.52 15.64 0.08
C SER C 75 17.41 14.50 -0.40
N LEU C 76 17.28 14.15 -1.68
CA LEU C 76 17.98 13.00 -2.26
C LEU C 76 18.74 13.38 -3.55
N TYR C 77 20.02 13.04 -3.61
CA TYR C 77 20.82 13.36 -4.78
C TYR C 77 21.70 12.20 -5.22
N ILE C 78 22.12 12.24 -6.47
CA ILE C 78 23.05 11.24 -6.95
C ILE C 78 24.16 11.89 -7.75
N ARG C 79 25.35 11.31 -7.70
CA ARG C 79 26.42 11.91 -8.46
C ARG C 79 27.36 10.90 -9.05
N VAL C 80 27.96 11.27 -10.18
CA VAL C 80 28.95 10.48 -10.84
C VAL C 80 30.29 10.77 -10.19
N LEU C 81 31.04 9.74 -9.84
CA LEU C 81 32.36 9.91 -9.28
C LEU C 81 33.35 9.48 -10.34
N PRO C 82 34.60 9.92 -10.23
CA PRO C 82 35.64 9.36 -11.10
C PRO C 82 35.72 7.84 -10.92
N GLY C 83 35.68 7.09 -12.02
CA GLY C 83 35.72 5.65 -11.98
C GLY C 83 36.93 5.10 -12.73
N ALA C 84 37.36 3.88 -12.34
CA ALA C 84 38.53 3.26 -12.94
C ALA C 84 38.38 3.01 -14.42
N PHE C 85 37.13 2.86 -14.86
CA PHE C 85 36.83 2.41 -16.22
C PHE C 85 36.17 3.48 -17.08
N ASP C 86 36.26 4.73 -16.63
CA ASP C 86 35.55 5.82 -17.28
C ASP C 86 35.87 5.95 -18.77
N ASN C 87 37.12 5.68 -19.16
CA ASN C 87 37.56 5.80 -20.55
C ASN C 87 37.00 4.76 -21.48
N LEU C 88 36.35 3.73 -20.93
CA LEU C 88 35.76 2.66 -21.74
C LEU C 88 34.24 2.83 -21.90
N LEU C 89 33.71 3.91 -21.34
CA LEU C 89 32.25 4.14 -21.26
C LEU C 89 31.78 5.34 -22.10
N GLU C 90 30.50 5.37 -22.42
CA GLU C 90 29.93 6.54 -23.13
C GLU C 90 29.70 7.71 -22.19
N TRP C 91 30.12 8.90 -22.62
CA TRP C 91 29.86 10.11 -21.85
C TRP C 91 29.15 11.15 -22.73
N PRO C 92 28.23 11.92 -22.13
CA PRO C 92 27.94 11.93 -20.70
C PRO C 92 27.11 10.74 -20.23
N PHE C 93 27.13 10.50 -18.93
CA PHE C 93 26.31 9.47 -18.32
C PHE C 93 24.86 9.76 -18.62
N ALA C 94 24.16 8.76 -19.13
CA ALA C 94 22.82 8.94 -19.67
C ALA C 94 21.82 7.83 -19.30
N ARG C 95 22.14 7.01 -18.29
CA ARG C 95 21.24 5.89 -17.98
C ARG C 95 20.16 6.41 -17.06
N ARG C 96 18.94 5.91 -17.21
CA ARG C 96 17.84 6.36 -16.38
C ARG C 96 18.05 5.95 -14.93
N VAL C 97 17.76 6.87 -14.01
CA VAL C 97 17.90 6.67 -12.56
C VAL C 97 16.55 6.72 -11.81
N THR C 98 16.32 5.76 -10.92
CA THR C 98 15.11 5.74 -10.09
C THR C 98 15.43 5.76 -8.59
N PHE C 99 14.94 6.79 -7.90
CA PHE C 99 15.08 6.88 -6.46
C PHE C 99 13.88 6.30 -5.75
N SER C 100 14.09 5.56 -4.68
CA SER C 100 12.97 5.12 -3.88
C SER C 100 13.31 5.13 -2.39
N LEU C 101 12.41 5.68 -1.58
CA LEU C 101 12.44 5.47 -0.14
C LEU C 101 11.51 4.30 0.16
N LEU C 102 12.05 3.22 0.71
CA LEU C 102 11.27 1.99 0.81
C LEU C 102 10.36 1.99 2.03
N ASP C 103 9.10 1.60 1.82
CA ASP C 103 8.16 1.36 2.91
C ASP C 103 8.37 -0.04 3.45
N GLN C 104 8.86 -0.13 4.68
CA GLN C 104 9.29 -1.42 5.23
C GLN C 104 8.15 -2.27 5.81
N SER C 105 7.15 -2.53 5.00
CA SER C 105 6.07 -3.46 5.38
C SER C 105 6.22 -4.79 4.68
N ASP C 106 5.76 -5.84 5.35
CA ASP C 106 5.77 -7.19 4.81
C ASP C 106 4.90 -7.29 3.55
N PRO C 107 5.52 -7.66 2.43
CA PRO C 107 4.84 -7.81 1.14
C PRO C 107 3.84 -8.97 1.15
N PRO C 112 3.09 -3.05 -0.05
CA PRO C 112 3.78 -1.87 0.50
C PRO C 112 4.00 -0.81 -0.57
N GLN C 113 3.74 0.45 -0.25
CA GLN C 113 3.90 1.52 -1.23
C GLN C 113 5.11 2.42 -1.02
N HIS C 114 6.10 2.22 -1.88
CA HIS C 114 7.32 3.02 -1.84
C HIS C 114 7.09 4.41 -2.40
N VAL C 115 7.83 5.39 -1.91
CA VAL C 115 7.89 6.70 -2.56
C VAL C 115 8.99 6.67 -3.59
N THR C 116 8.65 6.95 -4.84
CA THR C 116 9.58 6.69 -5.92
C THR C 116 9.61 7.81 -6.93
N GLU C 117 10.82 8.19 -7.35
CA GLU C 117 10.97 9.15 -8.42
C GLU C 117 11.99 8.66 -9.44
N THR C 118 11.80 9.07 -10.67
CA THR C 118 12.69 8.65 -11.74
C THR C 118 12.97 9.81 -12.65
N PHE C 119 14.18 9.87 -13.16
CA PHE C 119 14.50 10.87 -14.17
C PHE C 119 15.50 10.29 -15.17
N HIS C 120 15.55 10.87 -16.36
CA HIS C 120 16.60 10.60 -17.32
C HIS C 120 17.60 11.72 -17.13
N PRO C 121 18.90 11.38 -16.95
CA PRO C 121 19.96 12.35 -16.68
C PRO C 121 20.05 13.45 -17.71
N ASP C 122 20.25 14.65 -17.20
CA ASP C 122 20.35 15.86 -18.00
C ASP C 122 21.70 15.89 -18.71
N PRO C 123 21.67 15.92 -20.05
CA PRO C 123 22.91 15.87 -20.84
C PRO C 123 23.76 17.14 -20.73
N ASN C 124 23.26 18.14 -20.01
CA ASN C 124 23.92 19.44 -19.85
C ASN C 124 24.40 19.61 -18.42
N TRP C 125 24.12 18.62 -17.58
CA TRP C 125 24.46 18.71 -16.18
C TRP C 125 25.90 18.33 -16.01
N LYS C 126 26.69 19.25 -15.47
CA LYS C 126 28.14 19.14 -15.58
C LYS C 126 28.63 17.89 -14.88
N ASN C 127 27.93 17.45 -13.82
CA ASN C 127 28.30 16.26 -13.07
C ASN C 127 28.00 14.96 -13.82
N PHE C 128 27.06 15.02 -14.79
CA PHE C 128 26.77 13.85 -15.63
C PHE C 128 27.74 13.74 -16.80
N GLN C 129 28.57 14.75 -16.98
CA GLN C 129 29.61 14.66 -18.00
C GLN C 129 30.82 13.93 -17.42
N LYS C 130 31.76 13.59 -18.28
CA LYS C 130 32.91 12.78 -17.90
C LYS C 130 33.81 13.37 -16.80
N PRO C 131 33.98 12.62 -15.70
CA PRO C 131 34.82 13.06 -14.58
C PRO C 131 36.23 13.35 -15.03
N GLY C 132 36.80 14.46 -14.59
CA GLY C 132 38.17 14.78 -14.92
C GLY C 132 38.33 15.81 -16.01
N THR C 133 37.23 16.45 -16.41
CA THR C 133 37.34 17.58 -17.33
C THR C 133 37.19 18.89 -16.56
N SER C 141 34.73 19.86 -8.38
CA SER C 141 34.23 20.80 -7.38
C SER C 141 32.72 20.64 -7.16
N SER C 142 31.99 20.37 -8.25
CA SER C 142 30.51 20.27 -8.20
C SER C 142 29.99 19.03 -8.96
N LEU C 143 28.75 18.56 -8.75
CA LEU C 143 27.92 18.58 -7.52
C LEU C 143 26.77 17.56 -7.77
N GLY C 144 25.75 17.52 -6.91
CA GLY C 144 24.71 16.50 -7.03
C GLY C 144 23.39 16.83 -7.71
N PHE C 145 22.72 15.82 -8.28
CA PHE C 145 21.47 16.04 -9.01
C PHE C 145 20.34 15.14 -8.49
N GLY C 146 19.19 15.75 -8.23
CA GLY C 146 18.09 15.02 -7.64
C GLY C 146 17.01 15.92 -7.07
N TYR C 147 16.49 15.54 -5.92
CA TYR C 147 15.28 16.11 -5.35
C TYR C 147 15.41 16.80 -3.97
N PRO C 148 15.32 18.14 -3.94
CA PRO C 148 15.35 18.84 -2.66
C PRO C 148 14.17 18.45 -1.79
N LYS C 149 13.03 18.21 -2.43
CA LYS C 149 11.82 17.87 -1.68
C LYS C 149 11.35 16.48 -2.00
N PHE C 150 12.18 15.49 -1.67
CA PHE C 150 11.87 14.11 -2.02
C PHE C 150 10.70 13.61 -1.21
N ILE C 151 10.73 13.81 0.09
CA ILE C 151 9.60 13.46 0.92
C ILE C 151 9.59 14.36 2.13
N SER C 152 8.42 14.87 2.50
CA SER C 152 8.32 15.82 3.59
C SER C 152 8.49 15.07 4.90
N HIS C 153 8.85 15.81 5.96
CA HIS C 153 8.99 15.22 7.29
C HIS C 153 7.73 14.56 7.78
N GLN C 154 6.59 15.12 7.37
CA GLN C 154 5.29 14.59 7.79
C GLN C 154 4.98 13.30 7.04
N ASP C 155 5.27 13.29 5.74
CA ASP C 155 5.02 12.10 4.94
C ASP C 155 5.85 10.90 5.40
N ILE C 156 7.08 11.16 5.81
CA ILE C 156 8.01 10.08 6.20
C ILE C 156 7.62 9.39 7.51
N ARG C 157 6.67 9.97 8.25
CA ARG C 157 6.26 9.38 9.51
C ARG C 157 5.07 8.46 9.26
N LYS C 158 4.60 8.47 8.01
CA LYS C 158 3.52 7.59 7.58
C LYS C 158 4.06 6.17 7.43
N ARG C 159 3.13 5.23 7.32
CA ARG C 159 3.43 3.83 7.02
C ARG C 159 4.61 3.29 7.81
N ASN C 160 5.55 2.67 7.12
CA ASN C 160 6.74 2.13 7.76
C ASN C 160 8.05 2.62 7.11
N TYR C 161 8.07 3.88 6.67
CA TYR C 161 9.28 4.44 6.09
C TYR C 161 10.39 4.46 7.10
N VAL C 162 10.06 4.80 8.34
CA VAL C 162 11.07 4.68 9.38
C VAL C 162 10.72 3.52 10.28
N ARG C 163 11.62 2.55 10.37
CA ARG C 163 11.37 1.37 11.18
C ARG C 163 12.63 0.90 11.83
N ASP C 164 12.51 0.53 13.11
CA ASP C 164 13.66 0.19 13.94
C ASP C 164 14.70 1.27 13.84
N ASP C 165 14.24 2.51 13.77
CA ASP C 165 15.12 3.66 13.71
C ASP C 165 16.05 3.63 12.48
N ALA C 166 15.52 3.21 11.33
CA ALA C 166 16.28 3.21 10.08
C ALA C 166 15.41 3.42 8.83
N VAL C 167 16.04 3.97 7.79
CA VAL C 167 15.41 4.08 6.48
C VAL C 167 16.27 3.37 5.43
N PHE C 168 15.62 2.87 4.39
CA PHE C 168 16.30 2.25 3.25
C PHE C 168 16.09 3.16 2.06
N ILE C 169 17.17 3.63 1.44
CA ILE C 169 17.08 4.37 0.18
C ILE C 169 17.48 3.41 -0.92
N ARG C 170 16.70 3.38 -2.00
CA ARG C 170 17.05 2.54 -3.13
C ARG C 170 17.27 3.39 -4.38
N ALA C 171 18.39 3.16 -5.03
CA ALA C 171 18.72 3.78 -6.30
C ALA C 171 18.91 2.69 -7.33
N ALA C 172 18.11 2.76 -8.38
CA ALA C 172 18.18 1.79 -9.44
C ALA C 172 18.66 2.48 -10.71
N VAL C 173 19.65 1.91 -11.37
CA VAL C 173 20.08 2.48 -12.62
C VAL C 173 19.73 1.56 -13.77
N GLU C 174 19.14 2.07 -14.84
CA GLU C 174 18.85 1.24 -15.98
C GLU C 174 20.17 0.83 -16.64
N LEU C 175 20.45 -0.47 -16.66
CA LEU C 175 21.68 -1.00 -17.25
C LEU C 175 21.58 -1.13 -18.74
N PRO C 176 22.68 -0.86 -19.44
CA PRO C 176 22.65 -1.09 -20.89
C PRO C 176 22.14 -2.50 -21.22
N ARG C 177 21.39 -2.59 -22.30
CA ARG C 177 20.78 -3.87 -22.67
C ARG C 177 21.73 -4.71 -23.49
N LYS C 178 21.70 -6.01 -23.25
CA LYS C 178 22.53 -6.95 -23.97
C LYS C 178 22.06 -7.13 -25.40
N ILE C 179 23.01 -7.24 -26.31
CA ILE C 179 22.69 -7.46 -27.72
C ILE C 179 23.05 -8.88 -28.08
N LEU C 180 22.07 -9.64 -28.53
CA LEU C 180 22.29 -11.04 -28.86
C LEU C 180 21.81 -11.39 -30.27
N LEU D 6 -12.96 6.90 16.83
CA LEU D 6 -14.08 7.74 17.24
C LEU D 6 -14.89 8.21 16.02
N ARG D 7 -14.17 8.57 14.97
CA ARG D 7 -14.79 9.08 13.75
C ARG D 7 -15.20 7.93 12.86
N ARG D 8 -14.51 6.80 12.99
CA ARG D 8 -14.78 5.66 12.12
C ARG D 8 -16.25 5.23 12.16
N GLU D 9 -16.93 5.43 13.29
CA GLU D 9 -18.36 5.15 13.28
C GLU D 9 -19.17 6.30 12.65
N LEU D 10 -18.50 7.33 12.12
CA LEU D 10 -19.21 8.33 11.32
C LEU D 10 -19.23 7.83 9.87
N GLU D 11 -18.26 6.98 9.51
CA GLU D 11 -18.17 6.39 8.18
C GLU D 11 -19.27 5.38 7.86
N GLU D 12 -20.02 4.96 8.88
CA GLU D 12 -21.02 3.92 8.71
C GLU D 12 -22.38 4.52 8.41
N LEU D 13 -22.50 5.82 8.69
CA LEU D 13 -23.68 6.61 8.33
C LEU D 13 -23.58 7.09 6.89
N SER D 14 -22.44 6.84 6.28
CA SER D 14 -22.09 7.36 4.95
C SER D 14 -22.75 6.52 3.85
N VAL D 15 -23.97 6.89 3.49
CA VAL D 15 -24.75 6.12 2.55
C VAL D 15 -25.21 6.94 1.36
N GLY D 16 -25.01 6.41 0.16
CA GLY D 16 -25.39 7.09 -1.06
C GLY D 16 -26.89 7.22 -1.23
N SER D 17 -27.30 8.30 -1.86
CA SER D 17 -28.72 8.54 -2.11
C SER D 17 -29.07 7.90 -3.43
N ASP D 18 -29.89 6.87 -3.38
CA ASP D 18 -30.23 6.09 -4.56
C ASP D 18 -28.97 5.58 -5.21
N GLY D 19 -27.99 5.21 -4.39
CA GLY D 19 -26.78 4.57 -4.85
C GLY D 19 -25.83 5.63 -5.40
N VAL D 20 -26.01 6.88 -4.98
CA VAL D 20 -25.22 8.01 -5.50
C VAL D 20 -24.34 8.71 -4.47
N LEU D 21 -23.05 8.85 -4.76
CA LEU D 21 -22.20 9.73 -3.95
C LEU D 21 -21.84 10.99 -4.70
N ILE D 22 -22.04 12.13 -4.06
CA ILE D 22 -21.54 13.36 -4.62
C ILE D 22 -20.38 13.81 -3.72
N TRP D 23 -19.20 13.89 -4.31
CA TRP D 23 -18.00 14.21 -3.55
C TRP D 23 -17.52 15.60 -3.95
N LYS D 24 -17.46 16.50 -2.98
CA LYS D 24 -17.00 17.86 -3.24
C LYS D 24 -15.51 17.99 -2.94
N ILE D 25 -14.73 18.38 -3.95
CA ILE D 25 -13.32 18.68 -3.74
C ILE D 25 -13.09 20.19 -3.73
N GLY D 26 -12.91 20.73 -2.52
CA GLY D 26 -12.63 22.15 -2.33
C GLY D 26 -11.13 22.44 -2.35
N SER D 27 -10.80 23.73 -2.37
CA SER D 27 -9.44 24.21 -2.52
C SER D 27 -8.82 23.70 -3.82
N TYR D 28 -9.57 23.76 -4.92
CA TYR D 28 -9.11 23.11 -6.14
C TYR D 28 -7.79 23.70 -6.66
N GLY D 29 -7.70 25.02 -6.71
CA GLY D 29 -6.53 25.70 -7.23
C GLY D 29 -5.31 25.22 -6.49
N ARG D 30 -5.38 25.27 -5.16
CA ARG D 30 -4.28 24.85 -4.32
C ARG D 30 -4.00 23.36 -4.42
N ARG D 31 -5.05 22.54 -4.38
CA ARG D 31 -4.81 21.11 -4.44
C ARG D 31 -4.25 20.65 -5.81
N LEU D 32 -4.61 21.35 -6.87
CA LEU D 32 -4.01 21.11 -8.19
C LEU D 32 -2.52 21.45 -8.14
N GLN D 33 -2.22 22.53 -7.44
CA GLN D 33 -0.87 23.07 -7.27
C GLN D 33 0.06 22.04 -6.64
N GLU D 34 -0.41 21.39 -5.58
CA GLU D 34 0.34 20.35 -4.89
C GLU D 34 0.44 19.03 -5.68
N ALA D 35 -0.57 18.75 -6.49
CA ALA D 35 -0.57 17.50 -7.22
C ALA D 35 0.44 17.57 -8.37
N LYS D 36 0.68 18.77 -8.88
CA LYS D 36 1.70 18.97 -9.88
C LYS D 36 3.09 18.75 -9.25
N ALA D 37 3.25 19.31 -8.06
CA ALA D 37 4.48 19.20 -7.31
C ALA D 37 4.76 17.79 -6.83
N LYS D 38 3.72 17.01 -6.58
CA LYS D 38 3.90 15.68 -6.01
C LYS D 38 3.13 14.69 -6.90
N PRO D 39 3.86 13.88 -7.68
CA PRO D 39 3.14 13.03 -8.65
C PRO D 39 2.18 12.05 -8.00
N ASN D 40 2.63 11.33 -6.97
CA ASN D 40 1.83 10.22 -6.50
C ASN D 40 0.73 10.72 -5.56
N LEU D 41 0.24 11.94 -5.76
CA LEU D 41 -0.79 12.48 -4.84
C LEU D 41 -2.24 12.18 -5.23
N GLU D 42 -2.87 11.39 -4.36
CA GLU D 42 -4.20 10.85 -4.56
C GLU D 42 -5.19 11.46 -3.53
N CYS D 43 -6.26 12.08 -4.01
CA CYS D 43 -7.36 12.56 -3.15
C CYS D 43 -8.39 11.45 -2.94
N PHE D 44 -8.88 11.33 -1.71
CA PHE D 44 -9.88 10.32 -1.37
C PHE D 44 -11.21 10.92 -0.97
N SER D 45 -12.28 10.38 -1.51
CA SER D 45 -13.62 10.73 -1.06
C SER D 45 -13.92 10.07 0.29
N PRO D 46 -14.96 10.51 1.00
CA PRO D 46 -15.34 9.67 2.14
C PRO D 46 -15.76 8.28 1.66
N ALA D 47 -15.54 7.25 2.48
CA ALA D 47 -16.09 5.93 2.18
C ALA D 47 -17.60 6.03 2.15
N PHE D 48 -18.24 5.19 1.35
CA PHE D 48 -19.68 5.15 1.37
C PHE D 48 -20.25 3.79 1.09
N TYR D 49 -21.48 3.59 1.54
CA TYR D 49 -22.17 2.37 1.24
C TYR D 49 -23.06 2.61 0.04
N THR D 50 -23.03 1.67 -0.89
CA THR D 50 -23.83 1.76 -2.09
C THR D 50 -25.30 1.89 -1.71
N HIS D 51 -25.69 1.11 -0.70
CA HIS D 51 -27.03 1.13 -0.13
C HIS D 51 -26.87 0.68 1.32
N LYS D 52 -27.91 0.83 2.14
CA LYS D 52 -27.77 0.74 3.58
C LYS D 52 -27.04 -0.49 4.11
N TYR D 53 -27.39 -1.65 3.59
CA TYR D 53 -26.68 -2.85 4.04
C TYR D 53 -25.86 -3.45 2.89
N GLY D 54 -25.20 -2.56 2.14
CA GLY D 54 -24.50 -2.95 0.95
C GLY D 54 -23.02 -2.74 0.94
N TYR D 55 -22.47 -2.62 -0.26
CA TYR D 55 -21.05 -2.55 -0.50
C TYR D 55 -20.48 -1.24 -0.02
N LYS D 56 -19.31 -1.30 0.57
CA LYS D 56 -18.58 -0.12 0.94
C LYS D 56 -17.63 0.25 -0.19
N LEU D 57 -17.77 1.45 -0.74
CA LEU D 57 -16.90 1.90 -1.82
C LEU D 57 -16.19 3.20 -1.48
N GLN D 58 -15.16 3.52 -2.24
CA GLN D 58 -14.47 4.77 -2.06
C GLN D 58 -13.96 5.26 -3.42
N VAL D 59 -14.06 6.56 -3.63
CA VAL D 59 -13.62 7.15 -4.87
C VAL D 59 -12.29 7.83 -4.62
N SER D 60 -11.41 7.81 -5.59
CA SER D 60 -10.16 8.55 -5.47
C SER D 60 -9.87 9.37 -6.72
N ALA D 61 -9.15 10.47 -6.56
CA ALA D 61 -8.86 11.33 -7.69
C ALA D 61 -7.39 11.72 -7.73
N PHE D 62 -6.88 11.90 -8.94
CA PHE D 62 -5.60 12.54 -9.16
C PHE D 62 -5.87 13.83 -9.94
N LEU D 63 -5.78 14.97 -9.26
CA LEU D 63 -6.13 16.23 -9.89
C LEU D 63 -5.19 16.53 -11.06
N ASN D 64 -3.98 16.00 -10.96
CA ASN D 64 -3.04 16.16 -12.05
C ASN D 64 -2.73 14.81 -12.67
N GLY D 65 -3.69 13.91 -12.62
CA GLY D 65 -3.60 12.72 -13.43
C GLY D 65 -2.67 11.65 -12.93
N ASN D 66 -2.90 10.46 -13.43
CA ASN D 66 -2.21 9.27 -12.99
C ASN D 66 -2.02 8.38 -14.20
N GLY D 67 -0.91 7.63 -14.21
CA GLY D 67 -0.57 6.79 -15.33
C GLY D 67 -0.54 7.59 -16.60
N SER D 68 -1.25 7.12 -17.61
CA SER D 68 -1.30 7.78 -18.90
C SER D 68 -1.87 9.19 -18.84
N GLY D 69 -2.51 9.55 -17.73
CA GLY D 69 -3.20 10.82 -17.68
C GLY D 69 -2.38 11.85 -16.95
N GLU D 70 -1.21 11.43 -16.51
CA GLU D 70 -0.34 12.28 -15.69
C GLU D 70 0.10 13.56 -16.38
N GLY D 71 -0.17 14.69 -15.74
CA GLY D 71 0.21 15.97 -16.29
C GLY D 71 -0.81 16.57 -17.25
N THR D 72 -1.72 15.76 -17.77
CA THR D 72 -2.66 16.26 -18.77
C THR D 72 -4.13 16.13 -18.38
N HIS D 73 -4.45 15.22 -17.46
CA HIS D 73 -5.84 14.91 -17.14
C HIS D 73 -6.18 14.87 -15.65
N LEU D 74 -7.47 14.91 -15.34
CA LEU D 74 -7.96 14.47 -14.04
C LEU D 74 -8.13 12.96 -14.13
N SER D 75 -7.63 12.23 -13.15
CA SER D 75 -7.82 10.78 -13.09
C SER D 75 -8.83 10.40 -12.00
N LEU D 76 -9.67 9.41 -12.29
CA LEU D 76 -10.79 9.02 -11.45
C LEU D 76 -10.84 7.52 -11.25
N TYR D 77 -10.90 7.06 -9.99
CA TYR D 77 -10.94 5.63 -9.70
C TYR D 77 -11.92 5.31 -8.58
N ILE D 78 -12.35 4.05 -8.52
CA ILE D 78 -13.16 3.56 -7.41
C ILE D 78 -12.63 2.21 -6.89
N ARG D 79 -12.83 1.94 -5.61
CA ARG D 79 -12.37 0.68 -5.04
C ARG D 79 -13.35 0.18 -3.99
N VAL D 80 -13.40 -1.13 -3.83
CA VAL D 80 -14.19 -1.75 -2.77
C VAL D 80 -13.34 -1.77 -1.48
N LEU D 81 -13.96 -1.43 -0.35
CA LEU D 81 -13.30 -1.52 0.95
C LEU D 81 -13.94 -2.67 1.73
N PRO D 82 -13.22 -3.23 2.72
CA PRO D 82 -13.84 -4.22 3.60
C PRO D 82 -15.07 -3.66 4.28
N GLY D 83 -16.23 -4.32 4.15
CA GLY D 83 -17.45 -3.82 4.76
C GLY D 83 -18.14 -4.73 5.75
N ALA D 84 -18.87 -4.12 6.68
CA ALA D 84 -19.56 -4.84 7.77
C ALA D 84 -20.58 -5.90 7.28
N PHE D 85 -21.11 -5.70 6.09
CA PHE D 85 -22.18 -6.55 5.59
C PHE D 85 -21.74 -7.39 4.41
N ASP D 86 -20.44 -7.56 4.22
CA ASP D 86 -19.94 -8.25 3.03
C ASP D 86 -20.44 -9.70 2.91
N ASN D 87 -20.65 -10.37 4.04
CA ASN D 87 -21.05 -11.77 4.02
C ASN D 87 -22.48 -11.96 3.50
N LEU D 88 -23.23 -10.88 3.37
CA LEU D 88 -24.60 -10.94 2.89
C LEU D 88 -24.67 -10.53 1.41
N LEU D 89 -23.52 -10.22 0.82
CA LEU D 89 -23.53 -9.64 -0.52
C LEU D 89 -22.99 -10.59 -1.59
N GLU D 90 -23.39 -10.34 -2.84
CA GLU D 90 -22.93 -11.11 -3.98
C GLU D 90 -21.54 -10.69 -4.38
N TRP D 91 -20.67 -11.68 -4.66
CA TRP D 91 -19.31 -11.40 -5.09
C TRP D 91 -19.02 -12.16 -6.38
N PRO D 92 -18.21 -11.56 -7.26
CA PRO D 92 -17.55 -10.27 -7.05
C PRO D 92 -18.50 -9.08 -7.20
N PHE D 93 -18.09 -7.90 -6.74
CA PHE D 93 -18.88 -6.69 -6.94
C PHE D 93 -19.11 -6.52 -8.43
N ALA D 94 -20.36 -6.38 -8.84
CA ALA D 94 -20.72 -6.43 -10.25
C ALA D 94 -21.72 -5.32 -10.68
N ARG D 95 -21.89 -4.29 -9.87
CA ARG D 95 -22.88 -3.27 -10.21
C ARG D 95 -22.27 -2.22 -11.13
N ARG D 96 -23.05 -1.73 -12.08
CA ARG D 96 -22.58 -0.71 -13.02
C ARG D 96 -22.20 0.56 -12.26
N VAL D 97 -21.04 1.11 -12.58
CA VAL D 97 -20.53 2.33 -11.94
C VAL D 97 -20.47 3.49 -12.92
N THR D 98 -21.04 4.63 -12.55
CA THR D 98 -21.04 5.86 -13.37
C THR D 98 -20.41 7.04 -12.67
N PHE D 99 -19.39 7.60 -13.28
CA PHE D 99 -18.69 8.82 -12.84
C PHE D 99 -19.14 10.10 -13.56
N SER D 100 -19.23 11.20 -12.83
CA SER D 100 -19.53 12.48 -13.46
C SER D 100 -18.74 13.58 -12.84
N LEU D 101 -18.12 14.42 -13.68
CA LEU D 101 -17.61 15.68 -13.19
C LEU D 101 -18.76 16.63 -13.45
N LEU D 102 -19.33 17.20 -12.41
CA LEU D 102 -20.55 17.96 -12.56
C LEU D 102 -20.30 19.35 -13.06
N ASP D 103 -21.16 19.73 -13.98
CA ASP D 103 -21.20 21.08 -14.52
C ASP D 103 -22.02 21.94 -13.54
N GLN D 104 -21.35 22.89 -12.88
CA GLN D 104 -22.01 23.69 -11.84
C GLN D 104 -22.77 24.89 -12.37
N SER D 105 -23.71 24.64 -13.27
CA SER D 105 -24.60 25.69 -13.79
C SER D 105 -25.98 25.56 -13.17
N ASP D 106 -26.70 26.68 -13.07
CA ASP D 106 -28.09 26.63 -12.61
C ASP D 106 -28.91 25.77 -13.55
N PRO D 107 -29.50 24.68 -13.04
CA PRO D 107 -30.32 23.73 -13.82
C PRO D 107 -31.61 24.36 -14.32
N GLY D 108 -31.86 25.60 -13.88
CA GLY D 108 -33.03 26.33 -14.30
C GLY D 108 -32.77 27.08 -15.58
N LEU D 109 -31.54 27.56 -15.71
CA LEU D 109 -31.14 28.22 -16.93
C LEU D 109 -30.93 27.29 -18.12
N ALA D 110 -30.27 26.17 -17.88
CA ALA D 110 -29.82 25.31 -18.97
C ALA D 110 -29.58 23.91 -18.49
N LYS D 111 -29.51 22.97 -19.41
CA LYS D 111 -29.18 21.62 -19.01
C LYS D 111 -27.69 21.63 -18.80
N PRO D 112 -27.27 21.21 -17.62
CA PRO D 112 -25.85 21.15 -17.29
C PRO D 112 -25.18 20.06 -18.08
N GLN D 113 -23.98 20.29 -18.61
CA GLN D 113 -23.38 19.26 -19.44
C GLN D 113 -22.26 18.60 -18.63
N HIS D 114 -22.60 17.51 -17.96
CA HIS D 114 -21.66 16.77 -17.13
C HIS D 114 -20.77 15.91 -18.00
N VAL D 115 -19.54 15.74 -17.59
CA VAL D 115 -18.67 14.77 -18.24
C VAL D 115 -18.91 13.45 -17.54
N THR D 116 -19.30 12.42 -18.29
CA THR D 116 -19.81 11.19 -17.67
C THR D 116 -19.23 9.95 -18.34
N GLU D 117 -18.83 8.97 -17.53
CA GLU D 117 -18.38 7.67 -18.07
C GLU D 117 -18.93 6.53 -17.26
N THR D 118 -19.10 5.38 -17.87
CA THR D 118 -19.70 4.27 -17.15
C THR D 118 -19.03 2.93 -17.51
N PHE D 119 -18.86 2.07 -16.51
CA PHE D 119 -18.27 0.76 -16.78
C PHE D 119 -18.89 -0.32 -15.95
N HIS D 120 -18.76 -1.56 -16.42
CA HIS D 120 -19.08 -2.75 -15.63
C HIS D 120 -17.79 -3.23 -14.97
N PRO D 121 -17.83 -3.47 -13.65
CA PRO D 121 -16.68 -3.96 -12.88
C PRO D 121 -16.16 -5.26 -13.47
N ASP D 122 -14.84 -5.37 -13.61
CA ASP D 122 -14.19 -6.56 -14.17
C ASP D 122 -14.07 -7.63 -13.10
N PRO D 123 -14.71 -8.79 -13.30
CA PRO D 123 -14.69 -9.80 -12.23
C PRO D 123 -13.38 -10.52 -12.08
N ASN D 124 -12.33 -10.06 -12.73
CA ASN D 124 -11.03 -10.74 -12.66
C ASN D 124 -10.15 -9.77 -11.96
N TRP D 125 -10.74 -8.62 -11.66
CA TRP D 125 -10.02 -7.56 -10.99
C TRP D 125 -10.17 -7.86 -9.51
N LYS D 126 -9.04 -8.00 -8.84
CA LYS D 126 -9.01 -8.62 -7.53
C LYS D 126 -9.75 -7.80 -6.49
N ASN D 127 -9.74 -6.48 -6.65
CA ASN D 127 -10.37 -5.62 -5.68
C ASN D 127 -11.90 -5.70 -5.72
N PHE D 128 -12.46 -6.17 -6.84
CA PHE D 128 -13.89 -6.32 -6.97
C PHE D 128 -14.37 -7.66 -6.42
N GLN D 129 -13.41 -8.53 -6.10
CA GLN D 129 -13.73 -9.80 -5.48
C GLN D 129 -13.82 -9.63 -3.96
N LYS D 130 -14.35 -10.64 -3.29
CA LYS D 130 -14.63 -10.57 -1.87
C LYS D 130 -13.38 -10.22 -1.05
N PRO D 131 -13.48 -9.14 -0.24
CA PRO D 131 -12.40 -8.64 0.64
C PRO D 131 -11.88 -9.69 1.61
N SER D 142 -4.12 -1.12 -1.64
CA SER D 142 -5.17 -1.37 -2.62
C SER D 142 -5.26 -0.22 -3.61
N LEU D 143 -5.32 -0.57 -4.89
CA LEU D 143 -5.27 0.39 -5.98
C LEU D 143 -6.58 0.33 -6.79
N GLY D 144 -7.23 1.49 -6.93
CA GLY D 144 -8.52 1.62 -7.61
C GLY D 144 -8.66 1.27 -9.10
N PHE D 145 -9.88 1.29 -9.60
CA PHE D 145 -10.19 0.97 -10.99
C PHE D 145 -11.00 2.10 -11.61
N GLY D 146 -10.59 2.55 -12.78
CA GLY D 146 -11.28 3.69 -13.36
C GLY D 146 -10.59 4.38 -14.53
N TYR D 147 -10.65 5.70 -14.55
CA TYR D 147 -10.28 6.46 -15.73
C TYR D 147 -9.07 7.35 -15.53
N PRO D 148 -7.89 6.93 -16.05
CA PRO D 148 -6.65 7.72 -16.01
C PRO D 148 -6.79 9.06 -16.71
N LYS D 149 -7.58 9.07 -17.78
CA LYS D 149 -7.82 10.29 -18.54
C LYS D 149 -9.27 10.67 -18.48
N PHE D 150 -9.79 10.99 -17.30
CA PHE D 150 -11.23 11.27 -17.21
C PHE D 150 -11.61 12.58 -17.89
N ILE D 151 -10.90 13.65 -17.60
CA ILE D 151 -11.12 14.93 -18.29
C ILE D 151 -9.81 15.69 -18.35
N SER D 152 -9.53 16.29 -19.50
CA SER D 152 -8.28 17.01 -19.70
C SER D 152 -8.30 18.33 -18.97
N HIS D 153 -7.11 18.85 -18.69
CA HIS D 153 -6.95 20.13 -18.06
C HIS D 153 -7.58 21.29 -18.83
N GLN D 154 -7.64 21.20 -20.16
CA GLN D 154 -8.29 22.23 -20.98
C GLN D 154 -9.80 22.15 -20.90
N ASP D 155 -10.34 20.94 -20.98
CA ASP D 155 -11.78 20.75 -20.87
C ASP D 155 -12.33 21.11 -19.48
N ILE D 156 -11.56 20.83 -18.43
CA ILE D 156 -12.06 21.04 -17.08
C ILE D 156 -12.21 22.54 -16.77
N ARG D 157 -11.56 23.39 -17.57
CA ARG D 157 -11.63 24.83 -17.33
C ARG D 157 -12.74 25.46 -18.14
N LYS D 158 -13.36 24.70 -19.01
CA LYS D 158 -14.53 25.19 -19.69
C LYS D 158 -15.72 25.18 -18.76
N ARG D 159 -16.77 25.88 -19.17
CA ARG D 159 -18.04 25.89 -18.45
C ARG D 159 -17.92 26.10 -16.94
N ASN D 160 -18.59 25.26 -16.18
CA ASN D 160 -18.52 25.39 -14.75
C ASN D 160 -18.16 24.10 -13.99
N TYR D 161 -17.24 23.32 -14.56
CA TYR D 161 -16.70 22.15 -13.88
C TYR D 161 -15.91 22.58 -12.64
N VAL D 162 -15.17 23.68 -12.75
CA VAL D 162 -14.54 24.34 -11.62
C VAL D 162 -15.27 25.63 -11.35
N ARG D 163 -15.82 25.77 -10.15
CA ARG D 163 -16.55 26.98 -9.79
C ARG D 163 -16.41 27.23 -8.31
N ASP D 164 -16.16 28.48 -7.94
CA ASP D 164 -15.88 28.80 -6.54
C ASP D 164 -14.81 27.88 -5.99
N ASP D 165 -13.81 27.61 -6.81
CA ASP D 165 -12.65 26.81 -6.42
C ASP D 165 -12.99 25.43 -5.87
N ALA D 166 -13.97 24.79 -6.48
CA ALA D 166 -14.36 23.44 -6.06
C ALA D 166 -14.82 22.63 -7.24
N VAL D 167 -14.63 21.32 -7.16
CA VAL D 167 -15.20 20.44 -8.17
C VAL D 167 -16.08 19.39 -7.51
N PHE D 168 -17.12 18.97 -8.22
CA PHE D 168 -17.99 17.92 -7.72
C PHE D 168 -17.78 16.68 -8.54
N ILE D 169 -17.40 15.61 -7.87
CA ILE D 169 -17.38 14.30 -8.48
C ILE D 169 -18.57 13.50 -7.97
N ARG D 170 -19.27 12.89 -8.92
CA ARG D 170 -20.38 12.03 -8.62
C ARG D 170 -20.07 10.59 -9.01
N ALA D 171 -20.35 9.69 -8.10
CA ALA D 171 -20.23 8.29 -8.42
C ALA D 171 -21.58 7.67 -8.21
N ALA D 172 -22.20 7.20 -9.28
CA ALA D 172 -23.51 6.55 -9.14
C ALA D 172 -23.38 5.07 -9.43
N VAL D 173 -23.87 4.28 -8.48
CA VAL D 173 -23.84 2.83 -8.56
C VAL D 173 -25.25 2.32 -8.84
N GLU D 174 -25.37 1.53 -9.90
CA GLU D 174 -26.67 1.06 -10.31
C GLU D 174 -27.21 0.02 -9.33
N LEU D 175 -28.32 0.33 -8.66
CA LEU D 175 -28.95 -0.60 -7.75
C LEU D 175 -29.97 -1.49 -8.45
N PRO D 176 -29.99 -2.78 -8.09
CA PRO D 176 -30.98 -3.74 -8.60
C PRO D 176 -32.41 -3.28 -8.31
N GLU E 9 -21.22 12.28 21.10
CA GLU E 9 -22.15 11.21 21.44
C GLU E 9 -23.57 11.55 20.93
N LEU E 10 -23.67 12.62 20.17
CA LEU E 10 -24.92 12.95 19.48
C LEU E 10 -24.87 12.06 18.25
N GLU E 11 -23.70 11.43 18.08
CA GLU E 11 -23.44 10.46 17.03
C GLU E 11 -24.28 9.21 17.26
N GLU E 12 -24.96 9.16 18.40
CA GLU E 12 -25.84 8.06 18.70
C GLU E 12 -27.18 8.39 18.07
N LEU E 13 -27.36 9.69 17.78
CA LEU E 13 -28.52 10.26 17.08
C LEU E 13 -29.75 9.35 16.96
N VAL E 15 -30.67 7.33 13.01
CA VAL E 15 -30.20 5.96 13.11
C VAL E 15 -31.19 5.07 13.82
N GLY E 16 -31.78 4.12 13.10
CA GLY E 16 -32.06 4.17 11.68
C GLY E 16 -33.50 4.65 11.62
N SER E 17 -33.91 5.36 10.58
CA SER E 17 -35.29 5.87 10.56
C SER E 17 -36.19 5.23 9.51
N ASP E 18 -35.75 4.12 8.91
CA ASP E 18 -36.65 3.32 8.10
C ASP E 18 -37.22 2.15 8.96
N GLY E 19 -37.89 1.19 8.36
CA GLY E 19 -38.45 0.14 9.22
C GLY E 19 -37.53 -1.03 9.53
N VAL E 20 -36.29 -0.98 9.06
CA VAL E 20 -35.41 -2.12 9.23
C VAL E 20 -34.19 -1.90 10.13
N LEU E 21 -34.00 -2.78 11.10
CA LEU E 21 -32.75 -2.84 11.83
C LEU E 21 -31.95 -4.10 11.45
N ILE E 22 -30.69 -3.93 11.07
CA ILE E 22 -29.85 -5.09 10.93
C ILE E 22 -28.81 -5.02 12.02
N TRP E 23 -28.86 -6.02 12.89
CA TRP E 23 -28.05 -6.00 14.10
C TRP E 23 -26.99 -7.08 14.00
N LYS E 24 -25.73 -6.64 14.01
CA LYS E 24 -24.62 -7.58 13.94
C LYS E 24 -24.11 -7.85 15.35
N ILE E 25 -24.19 -9.11 15.73
CA ILE E 25 -23.66 -9.54 17.02
C ILE E 25 -22.31 -10.19 16.76
N GLY E 26 -21.25 -9.46 17.08
CA GLY E 26 -19.89 -9.97 16.95
C GLY E 26 -19.41 -10.70 18.19
N SER E 27 -18.23 -11.30 18.11
CA SER E 27 -17.69 -12.13 19.20
C SER E 27 -18.67 -13.23 19.64
N TYR E 28 -19.28 -13.90 18.69
CA TYR E 28 -20.34 -14.84 19.05
C TYR E 28 -19.84 -15.93 20.00
N GLY E 29 -18.68 -16.51 19.69
CA GLY E 29 -18.12 -17.59 20.49
C GLY E 29 -17.97 -17.23 21.96
N ARG E 30 -17.29 -16.12 22.18
CA ARG E 30 -17.04 -15.66 23.53
C ARG E 30 -18.34 -15.35 24.26
N ARG E 31 -19.24 -14.66 23.57
CA ARG E 31 -20.48 -14.22 24.20
C ARG E 31 -21.41 -15.37 24.51
N LEU E 32 -21.39 -16.41 23.69
CA LEU E 32 -22.17 -17.59 23.98
C LEU E 32 -21.64 -18.24 25.28
N GLN E 33 -20.33 -18.34 25.38
CA GLN E 33 -19.66 -18.86 26.58
C GLN E 33 -19.93 -18.03 27.83
N GLU E 34 -19.92 -16.72 27.67
CA GLU E 34 -20.23 -15.85 28.79
C GLU E 34 -21.70 -16.01 29.23
N ALA E 35 -22.58 -16.21 28.26
CA ALA E 35 -24.03 -16.33 28.54
C ALA E 35 -24.35 -17.68 29.15
N LYS E 36 -23.55 -18.68 28.80
CA LYS E 36 -23.68 -19.98 29.41
C LYS E 36 -23.20 -19.98 30.87
N ALA E 37 -22.07 -19.31 31.11
CA ALA E 37 -21.47 -19.25 32.44
C ALA E 37 -22.31 -18.42 33.42
N LYS E 38 -23.02 -17.43 32.89
CA LYS E 38 -23.88 -16.57 33.70
C LYS E 38 -25.26 -16.51 33.07
N PRO E 39 -26.20 -17.26 33.61
CA PRO E 39 -27.53 -17.36 32.98
C PRO E 39 -28.26 -16.03 32.91
N ASN E 40 -29.23 -15.98 31.99
CA ASN E 40 -30.00 -14.80 31.67
C ASN E 40 -29.16 -13.56 31.30
N LEU E 41 -28.06 -13.80 30.58
CA LEU E 41 -27.22 -12.71 30.08
C LEU E 41 -27.88 -12.24 28.80
N GLU E 42 -28.24 -10.96 28.78
CA GLU E 42 -29.06 -10.44 27.70
C GLU E 42 -28.25 -9.45 26.85
N CYS E 43 -28.15 -9.70 25.54
CA CYS E 43 -27.53 -8.74 24.62
C CYS E 43 -28.59 -7.76 24.14
N PHE E 44 -28.24 -6.48 24.01
CA PHE E 44 -29.22 -5.49 23.58
C PHE E 44 -28.79 -4.86 22.25
N SER E 45 -29.73 -4.74 21.31
CA SER E 45 -29.46 -4.07 20.05
C SER E 45 -29.39 -2.56 20.23
N PRO E 46 -28.90 -1.85 19.22
CA PRO E 46 -29.12 -0.41 19.21
C PRO E 46 -30.61 -0.12 19.13
N ALA E 47 -31.04 1.03 19.62
CA ALA E 47 -32.39 1.51 19.35
C ALA E 47 -32.57 1.81 17.87
N PHE E 48 -33.79 1.63 17.36
CA PHE E 48 -34.09 2.05 16.00
C PHE E 48 -35.54 2.55 15.91
N TYR E 49 -35.79 3.45 14.95
CA TYR E 49 -37.10 4.03 14.73
C TYR E 49 -37.86 3.32 13.61
N THR E 50 -39.14 3.07 13.82
CA THR E 50 -39.99 2.46 12.82
C THR E 50 -40.01 3.35 11.57
N HIS E 51 -40.01 4.64 11.81
CA HIS E 51 -39.90 5.64 10.76
C HIS E 51 -39.39 6.93 11.38
N LYS E 52 -39.00 7.86 10.52
CA LYS E 52 -38.49 9.15 10.95
C LYS E 52 -39.56 9.75 11.83
N TYR E 53 -39.20 10.13 13.04
CA TYR E 53 -40.14 10.70 14.01
C TYR E 53 -41.22 9.69 14.40
N GLY E 54 -40.84 8.42 14.47
CA GLY E 54 -41.79 7.34 14.75
C GLY E 54 -41.52 6.62 16.04
N TYR E 55 -41.96 5.36 16.15
CA TYR E 55 -41.77 4.57 17.37
C TYR E 55 -40.29 4.22 17.57
N LYS E 56 -39.83 4.28 18.80
CA LYS E 56 -38.49 3.82 19.14
C LYS E 56 -38.54 2.38 19.64
N LEU E 57 -37.80 1.49 19.00
CA LEU E 57 -37.83 0.08 19.39
C LEU E 57 -36.43 -0.40 19.75
N GLN E 58 -36.35 -1.57 20.38
CA GLN E 58 -35.08 -2.21 20.68
C GLN E 58 -35.23 -3.74 20.66
N VAL E 59 -34.24 -4.44 20.11
CA VAL E 59 -34.22 -5.88 20.12
C VAL E 59 -33.22 -6.37 21.19
N SER E 60 -33.57 -7.45 21.89
CA SER E 60 -32.59 -8.06 22.76
C SER E 60 -32.54 -9.53 22.43
N ALA E 61 -31.39 -10.14 22.71
CA ALA E 61 -31.18 -11.55 22.41
C ALA E 61 -30.63 -12.28 23.63
N PHE E 62 -30.97 -13.56 23.75
CA PHE E 62 -30.31 -14.45 24.69
C PHE E 62 -29.61 -15.55 23.93
N LEU E 63 -28.29 -15.50 23.84
CA LEU E 63 -27.56 -16.47 23.04
C LEU E 63 -27.70 -17.92 23.54
N ASN E 64 -27.93 -18.09 24.84
CA ASN E 64 -28.08 -19.44 25.37
C ASN E 64 -29.50 -19.62 25.89
N GLY E 65 -30.42 -18.88 25.29
CA GLY E 65 -31.82 -19.12 25.53
C GLY E 65 -32.30 -18.52 26.82
N ASN E 66 -33.61 -18.35 26.88
CA ASN E 66 -34.26 -17.67 27.96
C ASN E 66 -35.55 -18.39 28.26
N GLY E 67 -35.91 -18.49 29.54
CA GLY E 67 -37.12 -19.22 29.90
C GLY E 67 -37.11 -20.62 29.34
N SER E 68 -38.15 -20.91 28.59
CA SER E 68 -38.36 -22.19 27.96
C SER E 68 -37.27 -22.65 26.96
N GLY E 69 -36.40 -21.72 26.53
CA GLY E 69 -35.40 -22.03 25.52
C GLY E 69 -34.00 -22.15 26.12
N GLU E 70 -33.93 -22.02 27.43
CA GLU E 70 -32.68 -21.92 28.17
C GLU E 70 -31.76 -23.13 28.01
N GLY E 71 -30.52 -22.87 27.63
CA GLY E 71 -29.53 -23.91 27.46
C GLY E 71 -29.57 -24.58 26.10
N THR E 72 -30.67 -24.35 25.37
CA THR E 72 -30.87 -25.01 24.10
C THR E 72 -31.16 -24.12 22.86
N HIS E 73 -31.61 -22.89 23.07
CA HIS E 73 -32.01 -22.03 21.96
C HIS E 73 -31.40 -20.62 22.02
N LEU E 74 -31.45 -19.90 20.90
CA LEU E 74 -31.31 -18.45 20.89
C LEU E 74 -32.71 -17.87 21.16
N SER E 75 -32.81 -16.93 22.07
CA SER E 75 -34.10 -16.29 22.32
C SER E 75 -34.08 -14.83 21.83
N LEU E 76 -35.17 -14.41 21.20
CA LEU E 76 -35.28 -13.11 20.54
C LEU E 76 -36.50 -12.34 20.98
N TYR E 77 -36.30 -11.08 21.39
CA TYR E 77 -37.39 -10.21 21.84
C TYR E 77 -37.31 -8.79 21.24
N ILE E 78 -38.42 -8.07 21.26
CA ILE E 78 -38.46 -6.68 20.85
C ILE E 78 -39.14 -5.88 21.95
N ARG E 79 -38.82 -4.61 22.06
CA ARG E 79 -39.38 -3.82 23.14
C ARG E 79 -39.66 -2.41 22.64
N VAL E 80 -40.71 -1.79 23.18
CA VAL E 80 -40.94 -0.37 22.90
C VAL E 80 -40.15 0.47 23.91
N LEU E 81 -39.44 1.49 23.42
CA LEU E 81 -38.75 2.41 24.33
C LEU E 81 -39.43 3.78 24.38
N PRO E 82 -39.18 4.52 25.48
CA PRO E 82 -39.64 5.92 25.52
C PRO E 82 -39.05 6.69 24.35
N GLY E 83 -39.89 7.31 23.52
CA GLY E 83 -39.41 8.08 22.38
C GLY E 83 -39.85 9.54 22.40
N ALA E 84 -39.03 10.40 21.84
CA ALA E 84 -39.27 11.85 21.83
C ALA E 84 -40.58 12.21 21.15
N PHE E 85 -41.06 11.33 20.28
CA PHE E 85 -42.20 11.63 19.43
C PHE E 85 -43.41 10.81 19.79
N ASP E 86 -43.43 10.21 20.99
CA ASP E 86 -44.53 9.34 21.38
C ASP E 86 -45.91 10.02 21.34
N ASN E 87 -45.96 11.31 21.68
CA ASN E 87 -47.23 12.01 21.74
C ASN E 87 -47.87 12.24 20.39
N LEU E 88 -47.13 11.96 19.33
CA LEU E 88 -47.65 12.12 17.98
C LEU E 88 -48.13 10.79 17.39
N LEU E 89 -48.03 9.71 18.17
CA LEU E 89 -48.25 8.36 17.64
C LEU E 89 -49.48 7.62 18.17
N GLU E 90 -49.97 6.66 17.40
CA GLU E 90 -51.07 5.80 17.79
C GLU E 90 -50.63 4.75 18.81
N TRP E 91 -51.40 4.59 19.87
CA TRP E 91 -51.12 3.56 20.86
C TRP E 91 -52.36 2.72 21.05
N PRO E 92 -52.18 1.41 21.29
CA PRO E 92 -50.87 0.78 21.46
C PRO E 92 -50.15 0.58 20.14
N PHE E 93 -48.85 0.35 20.22
CA PHE E 93 -48.05 0.04 19.04
C PHE E 93 -48.56 -1.23 18.36
N ALA E 94 -48.87 -1.13 17.06
CA ALA E 94 -49.63 -2.19 16.43
C ALA E 94 -49.11 -2.66 15.06
N ARG E 95 -47.91 -2.27 14.68
CA ARG E 95 -47.40 -2.62 13.36
C ARG E 95 -46.75 -4.01 13.32
N ARG E 96 -46.83 -4.64 12.14
CA ARG E 96 -46.32 -6.00 11.94
C ARG E 96 -44.83 -6.08 12.20
N VAL E 97 -44.41 -7.07 12.98
CA VAL E 97 -42.99 -7.20 13.29
C VAL E 97 -42.39 -8.48 12.74
N THR E 98 -41.25 -8.39 12.06
CA THR E 98 -40.61 -9.60 11.53
C THR E 98 -39.18 -9.76 12.03
N PHE E 99 -38.91 -10.89 12.70
CA PHE E 99 -37.53 -11.24 13.11
C PHE E 99 -36.92 -12.19 12.08
N SER E 100 -35.65 -11.97 11.76
CA SER E 100 -34.90 -12.91 10.92
C SER E 100 -33.49 -13.12 11.46
N LEU E 101 -33.07 -14.37 11.54
CA LEU E 101 -31.66 -14.65 11.76
C LEU E 101 -31.06 -14.89 10.41
N LEU E 102 -30.12 -14.07 9.98
CA LEU E 102 -29.69 -14.16 8.58
C LEU E 102 -28.67 -15.28 8.28
N ASP E 103 -28.90 -15.97 7.17
CA ASP E 103 -27.95 -16.92 6.60
C ASP E 103 -26.92 -16.19 5.73
N GLN E 104 -25.67 -16.12 6.19
CA GLN E 104 -24.68 -15.30 5.53
C GLN E 104 -24.02 -16.03 4.37
N SER E 105 -24.84 -16.52 3.45
CA SER E 105 -24.33 -17.14 2.25
C SER E 105 -24.51 -16.22 1.03
N ASP E 106 -23.59 -16.33 0.09
CA ASP E 106 -23.63 -15.54 -1.15
C ASP E 106 -24.92 -15.85 -1.87
N PRO E 107 -25.76 -14.83 -2.05
CA PRO E 107 -27.09 -14.96 -2.67
C PRO E 107 -27.00 -15.32 -4.15
N GLY E 108 -25.79 -15.32 -4.69
CA GLY E 108 -25.57 -15.61 -6.09
C GLY E 108 -25.47 -17.10 -6.32
N LEU E 109 -25.22 -17.86 -5.27
CA LEU E 109 -25.12 -19.31 -5.43
C LEU E 109 -26.48 -19.93 -5.24
N ALA E 110 -27.02 -19.80 -4.05
CA ALA E 110 -28.37 -20.24 -3.75
C ALA E 110 -29.07 -19.26 -2.85
N LYS E 111 -30.37 -19.13 -3.00
CA LYS E 111 -31.17 -18.28 -2.12
C LYS E 111 -30.92 -18.63 -0.66
N PRO E 112 -30.17 -17.78 0.06
CA PRO E 112 -29.80 -18.01 1.46
C PRO E 112 -31.02 -18.39 2.28
N GLN E 113 -30.89 -19.25 3.27
CA GLN E 113 -32.07 -19.71 3.98
C GLN E 113 -32.20 -18.93 5.30
N HIS E 114 -32.90 -17.81 5.29
CA HIS E 114 -33.04 -17.05 6.53
C HIS E 114 -34.06 -17.73 7.39
N VAL E 115 -33.85 -17.69 8.69
CA VAL E 115 -34.85 -18.15 9.65
C VAL E 115 -35.70 -16.96 10.08
N THR E 116 -37.01 -17.06 9.92
CA THR E 116 -37.87 -15.89 10.01
C THR E 116 -39.18 -16.11 10.75
N GLU E 117 -39.58 -15.14 11.56
CA GLU E 117 -40.92 -15.08 12.15
C GLU E 117 -41.54 -13.70 12.10
N THR E 118 -42.87 -13.70 12.06
CA THR E 118 -43.65 -12.49 11.95
C THR E 118 -44.79 -12.59 12.93
N PHE E 119 -45.11 -11.49 13.58
CA PHE E 119 -46.23 -11.46 14.48
C PHE E 119 -46.81 -10.06 14.49
N HIS E 120 -48.09 -9.96 14.85
CA HIS E 120 -48.71 -8.69 15.17
C HIS E 120 -48.73 -8.51 16.68
N PRO E 121 -48.24 -7.36 17.14
CA PRO E 121 -48.17 -7.09 18.58
C PRO E 121 -49.54 -7.22 19.23
N ASP E 122 -49.53 -7.84 20.41
CA ASP E 122 -50.72 -8.07 21.18
C ASP E 122 -51.09 -6.77 21.90
N PRO E 123 -52.28 -6.22 21.62
CA PRO E 123 -52.64 -4.95 22.24
C PRO E 123 -52.95 -5.09 23.72
N ASN E 124 -52.59 -6.22 24.30
CA ASN E 124 -52.81 -6.48 25.71
C ASN E 124 -51.50 -6.71 26.42
N TRP E 125 -50.47 -6.03 25.95
CA TRP E 125 -49.18 -6.16 26.59
C TRP E 125 -48.77 -4.74 26.94
N LYS E 126 -48.25 -4.56 28.16
CA LYS E 126 -48.11 -3.21 28.69
C LYS E 126 -47.03 -2.48 27.94
N ASN E 127 -46.03 -3.25 27.46
CA ASN E 127 -44.90 -2.63 26.81
C ASN E 127 -45.26 -2.11 25.42
N PHE E 128 -46.31 -2.68 24.80
CA PHE E 128 -46.74 -2.18 23.50
C PHE E 128 -47.67 -0.97 23.63
N GLN E 129 -48.09 -0.69 24.85
CA GLN E 129 -48.84 0.52 25.10
C GLN E 129 -47.93 1.70 25.44
N LYS E 130 -48.53 2.89 25.41
CA LYS E 130 -47.81 4.15 25.56
C LYS E 130 -47.06 4.22 26.89
N PRO E 131 -45.72 4.38 26.82
CA PRO E 131 -44.85 4.47 28.02
C PRO E 131 -45.26 5.58 28.98
N LEU E 143 -40.63 -5.87 29.93
CA LEU E 143 -39.44 -5.44 29.21
C LEU E 143 -39.11 -6.31 27.97
N GLY E 144 -40.12 -6.97 27.40
CA GLY E 144 -39.90 -7.77 26.21
C GLY E 144 -41.02 -8.68 25.74
N PHE E 145 -41.11 -8.79 24.42
CA PHE E 145 -42.09 -9.63 23.74
C PHE E 145 -41.39 -10.40 22.61
N GLY E 146 -41.58 -11.71 22.55
CA GLY E 146 -40.93 -12.46 21.50
C GLY E 146 -40.84 -13.96 21.68
N TYR E 147 -39.74 -14.52 21.20
CA TYR E 147 -39.62 -15.97 21.06
C TYR E 147 -38.51 -16.59 21.89
N PRO E 148 -38.89 -17.32 22.95
CA PRO E 148 -37.90 -18.01 23.78
C PRO E 148 -37.10 -19.01 22.97
N LYS E 149 -37.74 -19.64 22.00
CA LYS E 149 -37.09 -20.64 21.15
C LYS E 149 -37.04 -20.21 19.70
N PHE E 150 -36.27 -19.18 19.37
CA PHE E 150 -36.27 -18.70 17.99
C PHE E 150 -35.54 -19.67 17.05
N ILE E 151 -34.35 -20.09 17.45
CA ILE E 151 -33.58 -21.10 16.73
C ILE E 151 -32.70 -21.88 17.71
N SER E 152 -32.65 -23.20 17.53
CA SER E 152 -31.86 -24.08 18.40
C SER E 152 -30.35 -23.98 18.15
N HIS E 153 -29.57 -24.36 19.17
CA HIS E 153 -28.12 -24.33 19.04
C HIS E 153 -27.64 -25.22 17.88
N GLN E 154 -28.40 -26.28 17.57
CA GLN E 154 -28.00 -27.23 16.52
C GLN E 154 -28.25 -26.62 15.15
N ASP E 155 -29.43 -26.05 14.97
CA ASP E 155 -29.76 -25.42 13.71
C ASP E 155 -28.87 -24.22 13.44
N ILE E 156 -28.50 -23.49 14.47
CA ILE E 156 -27.73 -22.29 14.24
C ILE E 156 -26.32 -22.61 13.78
N ARG E 157 -25.91 -23.87 13.95
CA ARG E 157 -24.58 -24.25 13.52
C ARG E 157 -24.58 -24.73 12.08
N LYS E 158 -25.78 -24.88 11.52
CA LYS E 158 -25.95 -25.20 10.11
C LYS E 158 -25.69 -23.98 9.23
N ARG E 159 -25.52 -24.24 7.94
CA ARG E 159 -25.36 -23.21 6.91
C ARG E 159 -24.39 -22.11 7.34
N ASN E 160 -24.80 -20.85 7.20
CA ASN E 160 -23.95 -19.72 7.59
C ASN E 160 -24.64 -18.76 8.55
N TYR E 161 -25.41 -19.31 9.47
CA TYR E 161 -25.99 -18.44 10.48
C TYR E 161 -24.89 -17.84 11.32
N VAL E 162 -23.88 -18.64 11.63
CA VAL E 162 -22.70 -18.08 12.26
C VAL E 162 -21.57 -18.06 11.24
N ARG E 163 -21.00 -16.89 11.02
CA ARG E 163 -19.87 -16.81 10.09
C ARG E 163 -18.93 -15.69 10.51
N ASP E 164 -17.63 -15.95 10.44
CA ASP E 164 -16.65 -14.99 10.93
C ASP E 164 -16.96 -14.54 12.35
N ASP E 165 -17.46 -15.47 13.15
CA ASP E 165 -17.75 -15.27 14.56
C ASP E 165 -18.80 -14.17 14.83
N ALA E 166 -19.80 -14.08 13.96
CA ALA E 166 -20.86 -13.09 14.12
C ALA E 166 -22.20 -13.61 13.60
N VAL E 167 -23.30 -13.09 14.15
CA VAL E 167 -24.60 -13.39 13.60
C VAL E 167 -25.32 -12.08 13.29
N PHE E 168 -26.21 -12.13 12.29
CA PHE E 168 -27.02 -11.00 11.92
C PHE E 168 -28.49 -11.23 12.28
N ILE E 169 -29.02 -10.38 13.15
CA ILE E 169 -30.43 -10.40 13.48
C ILE E 169 -31.11 -9.28 12.73
N ARG E 170 -32.18 -9.60 12.02
CA ARG E 170 -32.92 -8.57 11.31
C ARG E 170 -34.31 -8.39 11.91
N ALA E 171 -34.65 -7.14 12.21
CA ALA E 171 -35.98 -6.78 12.67
C ALA E 171 -36.55 -5.76 11.71
N ALA E 172 -37.63 -6.13 11.03
CA ALA E 172 -38.33 -5.28 10.08
C ALA E 172 -39.73 -4.95 10.58
N VAL E 173 -40.11 -3.67 10.56
CA VAL E 173 -41.45 -3.26 10.95
C VAL E 173 -42.24 -2.78 9.76
N GLU E 174 -43.42 -3.38 9.52
CA GLU E 174 -44.23 -3.06 8.32
C GLU E 174 -44.91 -1.69 8.39
N LEU E 175 -44.70 -0.87 7.36
CA LEU E 175 -45.34 0.43 7.33
C LEU E 175 -46.78 0.27 6.87
N PRO E 176 -47.70 0.96 7.56
CA PRO E 176 -49.11 1.07 7.20
C PRO E 176 -49.32 1.69 5.81
N GLU F 11 -21.02 16.33 8.42
CA GLU F 11 -22.28 16.19 9.15
C GLU F 11 -22.95 17.53 9.49
N GLU F 12 -23.95 18.03 8.73
CA GLU F 12 -24.35 17.75 7.32
C GLU F 12 -25.24 16.52 7.09
N LEU F 13 -25.24 15.61 8.03
CA LEU F 13 -26.13 14.46 7.99
C LEU F 13 -27.63 14.76 8.13
N SER F 14 -27.98 15.99 8.52
CA SER F 14 -29.38 16.32 8.85
C SER F 14 -30.20 16.68 7.61
N VAL F 15 -30.96 15.70 7.14
CA VAL F 15 -31.74 15.82 5.93
C VAL F 15 -33.19 15.57 6.31
N GLY F 16 -34.12 16.40 5.84
CA GLY F 16 -35.46 16.20 6.30
C GLY F 16 -35.97 14.97 5.54
N SER F 17 -36.66 14.10 6.25
CA SER F 17 -37.17 12.89 5.62
C SER F 17 -38.69 12.85 5.70
N ASP F 18 -39.38 13.19 4.61
CA ASP F 18 -38.78 13.61 3.35
C ASP F 18 -39.15 15.06 3.01
N GLY F 19 -38.15 15.92 3.20
CA GLY F 19 -38.27 17.36 3.11
C GLY F 19 -38.96 17.91 4.35
N VAL F 20 -39.05 17.06 5.38
CA VAL F 20 -39.76 17.44 6.58
C VAL F 20 -38.80 17.50 7.75
N LEU F 21 -38.79 18.63 8.45
CA LEU F 21 -38.10 18.73 9.71
C LEU F 21 -39.17 18.79 10.78
N ILE F 22 -39.02 17.98 11.83
CA ILE F 22 -39.84 18.13 13.02
C ILE F 22 -38.92 18.51 14.17
N TRP F 23 -39.19 19.68 14.73
CA TRP F 23 -38.35 20.30 15.74
C TRP F 23 -39.10 20.31 17.07
N LYS F 24 -38.51 19.69 18.08
CA LYS F 24 -39.13 19.63 19.38
C LYS F 24 -38.60 20.70 20.31
N ILE F 25 -39.49 21.58 20.78
CA ILE F 25 -39.08 22.54 21.80
C ILE F 25 -39.64 22.15 23.17
N GLY F 26 -38.79 21.51 23.99
CA GLY F 26 -39.15 21.12 25.33
C GLY F 26 -38.82 22.20 26.36
N SER F 27 -39.23 21.97 27.60
CA SER F 27 -39.11 22.94 28.68
C SER F 27 -39.83 24.22 28.31
N TYR F 28 -41.00 24.07 27.71
CA TYR F 28 -41.76 25.17 27.13
C TYR F 28 -42.11 26.25 28.15
N GLY F 29 -42.63 25.84 29.30
CA GLY F 29 -43.04 26.76 30.34
C GLY F 29 -41.91 27.69 30.72
N ARG F 30 -40.76 27.12 31.04
CA ARG F 30 -39.60 27.91 31.44
C ARG F 30 -39.14 28.79 30.29
N ARG F 31 -39.01 28.20 29.11
CA ARG F 31 -38.47 28.96 27.98
C ARG F 31 -39.38 30.10 27.55
N LEU F 32 -40.69 29.95 27.77
CA LEU F 32 -41.59 31.06 27.51
C LEU F 32 -41.30 32.20 28.48
N GLN F 33 -41.03 31.86 29.74
CA GLN F 33 -40.73 32.87 30.75
C GLN F 33 -39.46 33.62 30.33
N GLU F 34 -38.47 32.84 29.93
CA GLU F 34 -37.20 33.43 29.57
C GLU F 34 -37.32 34.29 28.32
N ALA F 35 -38.23 33.94 27.41
CA ALA F 35 -38.38 34.77 26.22
C ALA F 35 -39.12 36.07 26.57
N LYS F 36 -39.94 36.01 27.61
CA LYS F 36 -40.61 37.22 28.10
C LYS F 36 -39.61 38.18 28.75
N ALA F 37 -38.69 37.63 29.54
CA ALA F 37 -37.68 38.42 30.24
C ALA F 37 -36.71 39.11 29.28
N LYS F 38 -36.45 38.49 28.13
CA LYS F 38 -35.61 39.14 27.12
C LYS F 38 -36.14 39.04 25.71
N PRO F 39 -36.81 40.09 25.22
CA PRO F 39 -37.07 40.05 23.78
C PRO F 39 -35.73 40.36 23.08
N ASN F 40 -35.59 40.08 21.80
CA ASN F 40 -36.44 39.21 21.04
C ASN F 40 -35.64 37.95 21.08
N LEU F 41 -36.00 37.04 21.96
CA LEU F 41 -35.22 35.83 22.15
C LEU F 41 -35.56 34.84 21.07
N GLU F 42 -34.55 34.45 20.29
CA GLU F 42 -34.77 33.61 19.13
C GLU F 42 -34.25 32.20 19.35
N CYS F 43 -35.14 31.22 19.19
CA CYS F 43 -34.77 29.80 19.20
C CYS F 43 -34.42 29.34 17.80
N PHE F 44 -33.38 28.52 17.67
CA PHE F 44 -32.98 28.03 16.34
C PHE F 44 -33.13 26.52 16.25
N SER F 45 -33.76 26.06 15.17
CA SER F 45 -33.83 24.64 14.88
C SER F 45 -32.46 24.18 14.39
N PRO F 46 -32.25 22.86 14.36
CA PRO F 46 -31.06 22.41 13.63
C PRO F 46 -31.22 22.80 12.16
N ALA F 47 -30.11 23.06 11.49
CA ALA F 47 -30.14 23.16 10.04
C ALA F 47 -30.51 21.78 9.50
N PHE F 48 -31.18 21.78 8.37
CA PHE F 48 -31.52 20.56 7.71
C PHE F 48 -31.49 20.82 6.24
N TYR F 49 -31.35 19.74 5.49
CA TYR F 49 -31.40 19.76 4.04
C TYR F 49 -32.75 19.38 3.54
N THR F 50 -33.25 20.05 2.51
CA THR F 50 -34.53 19.70 1.92
C THR F 50 -34.47 18.25 1.44
N HIS F 51 -33.31 17.88 0.90
CA HIS F 51 -33.03 16.54 0.46
C HIS F 51 -31.51 16.36 0.44
N LYS F 52 -31.02 15.12 0.33
CA LYS F 52 -29.56 14.92 0.26
C LYS F 52 -28.94 15.65 -0.95
N TYR F 53 -28.02 16.57 -0.66
CA TYR F 53 -27.30 17.40 -1.65
C TYR F 53 -28.20 18.53 -2.10
N GLY F 54 -29.05 19.01 -1.19
CA GLY F 54 -30.03 20.03 -1.54
C GLY F 54 -29.86 21.33 -0.80
N TYR F 55 -30.95 22.08 -0.68
CA TYR F 55 -30.95 23.36 0.02
C TYR F 55 -30.76 23.15 1.52
N LYS F 56 -29.93 23.99 2.14
CA LYS F 56 -29.83 23.98 3.60
C LYS F 56 -30.73 25.03 4.21
N LEU F 57 -31.66 24.60 5.06
CA LEU F 57 -32.63 25.50 5.67
C LEU F 57 -32.53 25.49 7.18
N GLN F 58 -33.12 26.50 7.80
CA GLN F 58 -33.19 26.57 9.24
C GLN F 58 -34.47 27.27 9.66
N VAL F 59 -35.10 26.75 10.69
CA VAL F 59 -36.33 27.34 11.19
C VAL F 59 -36.02 28.13 12.44
N SER F 60 -36.70 29.24 12.66
CA SER F 60 -36.54 29.91 13.93
C SER F 60 -37.89 30.19 14.60
N ALA F 61 -37.88 30.19 15.92
CA ALA F 61 -39.09 30.43 16.69
C ALA F 61 -38.84 31.51 17.73
N PHE F 62 -39.86 32.33 17.97
CA PHE F 62 -39.93 33.28 19.08
C PHE F 62 -41.08 32.86 19.95
N LEU F 63 -40.79 32.26 21.10
CA LEU F 63 -41.86 31.75 21.96
C LEU F 63 -42.79 32.89 22.42
N ASN F 64 -42.25 34.10 22.49
CA ASN F 64 -43.04 35.26 22.89
C ASN F 64 -43.16 36.27 21.77
N GLY F 65 -43.05 35.80 20.54
CA GLY F 65 -43.40 36.62 19.41
C GLY F 65 -42.35 37.64 19.03
N ASN F 66 -42.45 38.09 17.80
CA ASN F 66 -41.48 38.97 17.16
C ASN F 66 -42.23 39.89 16.20
N GLY F 67 -41.75 41.12 16.05
CA GLY F 67 -42.46 42.12 15.26
C GLY F 67 -43.87 42.34 15.79
N SER F 68 -44.86 42.23 14.91
CA SER F 68 -46.25 42.42 15.34
C SER F 68 -46.74 41.39 16.36
N GLY F 69 -45.98 40.32 16.58
CA GLY F 69 -46.47 39.27 17.45
C GLY F 69 -45.83 39.36 18.81
N GLU F 70 -45.00 40.37 18.99
CA GLU F 70 -44.27 40.45 20.23
C GLU F 70 -45.26 40.57 21.38
N GLY F 71 -45.14 39.65 22.33
CA GLY F 71 -46.04 39.62 23.48
C GLY F 71 -47.33 38.83 23.29
N THR F 72 -47.72 38.55 22.06
CA THR F 72 -49.01 37.90 21.86
C THR F 72 -48.96 36.56 21.13
N HIS F 73 -47.92 36.31 20.36
CA HIS F 73 -47.91 35.12 19.52
C HIS F 73 -46.63 34.30 19.60
N LEU F 74 -46.71 33.09 19.07
CA LEU F 74 -45.53 32.36 18.66
C LEU F 74 -45.24 32.88 17.28
N SER F 75 -43.98 33.24 17.02
CA SER F 75 -43.55 33.67 15.69
C SER F 75 -42.66 32.60 15.07
N LEU F 76 -42.90 32.27 13.80
CA LEU F 76 -42.18 31.19 13.09
C LEU F 76 -41.58 31.71 11.81
N TYR F 77 -40.29 31.44 11.59
CA TYR F 77 -39.64 31.85 10.37
C TYR F 77 -38.74 30.74 9.77
N ILE F 78 -38.49 30.83 8.47
CA ILE F 78 -37.56 29.92 7.82
C ILE F 78 -36.59 30.69 6.93
N ARG F 79 -35.36 30.22 6.85
CA ARG F 79 -34.39 30.90 5.99
C ARG F 79 -33.46 29.91 5.34
N VAL F 80 -32.94 30.33 4.20
CA VAL F 80 -31.93 29.61 3.46
C VAL F 80 -30.57 29.96 4.05
N LEU F 81 -29.74 28.94 4.31
CA LEU F 81 -28.36 29.12 4.79
C LEU F 81 -27.41 28.76 3.66
N PRO F 82 -26.18 29.28 3.70
CA PRO F 82 -25.23 28.80 2.67
C PRO F 82 -25.04 27.28 2.73
N GLY F 83 -25.23 26.57 1.61
CA GLY F 83 -25.08 25.13 1.62
C GLY F 83 -23.98 24.65 0.68
N ALA F 84 -23.42 23.50 0.98
CA ALA F 84 -22.32 22.95 0.19
C ALA F 84 -22.67 22.73 -1.28
N PHE F 85 -23.93 22.56 -1.59
CA PHE F 85 -24.32 22.19 -2.95
C PHE F 85 -25.10 23.25 -3.68
N ASP F 86 -25.03 24.49 -3.21
CA ASP F 86 -25.81 25.58 -3.76
C ASP F 86 -25.56 25.78 -5.27
N ASN F 87 -24.33 25.55 -5.72
CA ASN F 87 -23.99 25.75 -7.13
C ASN F 87 -24.65 24.74 -8.06
N LEU F 88 -25.20 23.67 -7.50
CA LEU F 88 -25.88 22.67 -8.31
C LEU F 88 -27.39 22.86 -8.29
N LEU F 89 -27.85 23.90 -7.60
CA LEU F 89 -29.29 24.05 -7.37
C LEU F 89 -29.85 25.24 -8.13
N GLU F 90 -31.16 25.21 -8.33
CA GLU F 90 -31.87 26.32 -8.96
C GLU F 90 -32.10 27.45 -8.00
N TRP F 91 -31.84 28.67 -8.46
CA TRP F 91 -32.11 29.85 -7.64
C TRP F 91 -33.02 30.78 -8.41
N PRO F 92 -33.92 31.47 -7.69
CA PRO F 92 -34.06 31.45 -6.24
C PRO F 92 -34.77 30.23 -5.71
N PHE F 93 -34.60 29.94 -4.42
CA PHE F 93 -35.30 28.84 -3.77
C PHE F 93 -36.79 29.11 -3.94
N ALA F 94 -37.52 28.17 -4.52
CA ALA F 94 -38.89 28.47 -4.91
C ALA F 94 -39.89 27.37 -4.59
N ARG F 95 -39.50 26.38 -3.81
CA ARG F 95 -40.48 25.35 -3.50
C ARG F 95 -41.28 25.65 -2.23
N ARG F 96 -42.55 25.25 -2.28
CA ARG F 96 -43.55 25.53 -1.27
C ARG F 96 -43.18 25.00 0.12
N VAL F 97 -43.38 25.87 1.11
CA VAL F 97 -43.07 25.64 2.51
C VAL F 97 -44.32 25.58 3.41
N THR F 98 -44.39 24.59 4.30
CA THR F 98 -45.51 24.46 5.23
C THR F 98 -45.11 24.42 6.70
N PHE F 99 -45.58 25.39 7.45
CA PHE F 99 -45.37 25.40 8.90
C PHE F 99 -46.55 24.79 9.58
N SER F 100 -46.28 23.99 10.61
CA SER F 100 -47.34 23.46 11.44
C SER F 100 -46.92 23.45 12.91
N LEU F 101 -47.78 23.93 13.78
CA LEU F 101 -47.57 23.65 15.20
C LEU F 101 -48.42 22.41 15.47
N LEU F 102 -47.79 21.32 15.88
CA LEU F 102 -48.53 20.07 15.94
C LEU F 102 -49.32 19.92 17.22
N ASP F 103 -50.57 19.49 17.04
CA ASP F 103 -51.45 19.10 18.10
C ASP F 103 -51.15 17.67 18.52
N GLN F 104 -50.66 17.46 19.74
CA GLN F 104 -50.20 16.15 20.22
C GLN F 104 -51.26 15.22 20.81
N SER F 105 -52.30 14.93 20.03
CA SER F 105 -53.29 13.94 20.44
C SER F 105 -53.12 12.63 19.65
N ASP F 106 -53.49 11.50 20.25
CA ASP F 106 -53.47 10.20 19.55
C ASP F 106 -54.43 10.24 18.36
N PRO F 107 -53.89 10.11 17.12
CA PRO F 107 -54.73 10.15 15.91
C PRO F 107 -55.70 8.99 15.78
N GLY F 108 -55.60 8.01 16.68
CA GLY F 108 -56.52 6.90 16.75
C GLY F 108 -57.68 7.22 17.68
N LEU F 109 -57.47 8.21 18.55
CA LEU F 109 -58.49 8.65 19.51
C LEU F 109 -59.30 9.78 18.87
N ALA F 110 -58.61 10.83 18.40
CA ALA F 110 -59.26 11.86 17.60
C ALA F 110 -58.43 12.13 16.36
N LYS F 111 -58.73 13.21 15.67
CA LYS F 111 -57.93 13.60 14.52
C LYS F 111 -57.43 15.02 14.79
N PRO F 112 -56.18 15.12 15.26
CA PRO F 112 -55.57 16.38 15.69
C PRO F 112 -55.69 17.44 14.61
N GLN F 113 -56.01 18.65 15.02
CA GLN F 113 -56.10 19.73 14.08
C GLN F 113 -54.90 20.61 14.28
N HIS F 114 -53.93 20.45 13.39
CA HIS F 114 -52.72 21.21 13.44
C HIS F 114 -53.00 22.64 13.02
N VAL F 115 -52.26 23.58 13.56
CA VAL F 115 -52.34 24.94 13.06
C VAL F 115 -51.33 25.03 11.94
N THR F 116 -51.79 25.40 10.75
CA THR F 116 -50.96 25.27 9.56
C THR F 116 -51.07 26.46 8.63
N GLU F 117 -49.92 26.90 8.12
CA GLU F 117 -49.87 27.91 7.08
C GLU F 117 -48.89 27.37 6.04
N THR F 118 -49.11 27.72 4.78
CA THR F 118 -48.25 27.22 3.74
C THR F 118 -48.04 28.37 2.75
N PHE F 119 -46.83 28.53 2.23
CA PHE F 119 -46.55 29.62 1.30
C PHE F 119 -45.58 29.28 0.19
N HIS F 120 -45.64 30.08 -0.88
CA HIS F 120 -44.67 30.01 -1.95
C HIS F 120 -43.60 31.07 -1.72
N PRO F 121 -42.31 30.67 -1.68
CA PRO F 121 -41.26 31.66 -1.43
C PRO F 121 -41.28 32.75 -2.47
N ASP F 122 -41.22 33.99 -1.99
CA ASP F 122 -41.24 35.17 -2.84
C ASP F 122 -39.86 35.39 -3.45
N PRO F 123 -39.77 35.40 -4.79
CA PRO F 123 -38.45 35.50 -5.42
C PRO F 123 -37.77 36.87 -5.35
N ASN F 124 -38.30 37.79 -4.53
CA ASN F 124 -37.73 39.12 -4.42
C ASN F 124 -37.21 39.35 -3.03
N TRP F 125 -37.39 38.32 -2.21
CA TRP F 125 -36.89 38.35 -0.85
C TRP F 125 -35.45 37.81 -0.94
N LYS F 126 -34.50 38.58 -0.43
CA LYS F 126 -33.10 38.38 -0.76
C LYS F 126 -32.57 37.06 -0.22
N ASN F 127 -33.14 36.61 0.89
CA ASN F 127 -32.69 35.38 1.51
C ASN F 127 -33.06 34.13 0.72
N PHE F 128 -34.07 34.23 -0.13
CA PHE F 128 -34.45 33.10 -0.95
C PHE F 128 -33.64 33.05 -2.23
N GLN F 129 -32.92 34.14 -2.48
CA GLN F 129 -32.03 34.18 -3.60
C GLN F 129 -30.72 33.52 -3.23
N LYS F 130 -29.89 33.29 -4.24
CA LYS F 130 -28.67 32.52 -4.07
C LYS F 130 -27.76 33.14 -3.01
N PRO F 131 -27.39 32.36 -1.98
CA PRO F 131 -26.48 32.78 -0.90
C PRO F 131 -25.14 33.26 -1.47
N GLY F 132 -24.67 34.42 -1.02
CA GLY F 132 -23.42 34.97 -1.50
C GLY F 132 -23.64 36.07 -2.53
N THR F 133 -24.90 36.48 -2.66
CA THR F 133 -25.35 37.64 -3.44
C THR F 133 -24.28 38.39 -4.22
N GLU F 140 -25.95 44.65 4.58
CA GLU F 140 -26.32 43.28 4.22
C GLU F 140 -27.52 42.76 5.01
N SER F 141 -28.27 41.83 4.42
CA SER F 141 -29.52 41.33 5.03
C SER F 141 -29.89 39.88 4.63
N SER F 142 -30.02 39.02 5.65
CA SER F 142 -30.35 37.60 5.48
C SER F 142 -31.45 37.19 6.45
N LEU F 143 -32.57 37.92 6.39
CA LEU F 143 -33.66 37.75 7.33
C LEU F 143 -34.60 36.60 6.96
N GLY F 144 -35.07 35.92 7.99
CA GLY F 144 -36.03 34.84 7.84
C GLY F 144 -37.31 35.39 7.21
N PHE F 145 -38.14 34.49 6.69
CA PHE F 145 -39.40 34.88 6.10
C PHE F 145 -40.44 33.97 6.72
N GLY F 146 -41.56 34.52 7.20
CA GLY F 146 -42.58 33.71 7.85
C GLY F 146 -43.67 34.45 8.63
N TYR F 147 -44.11 33.88 9.75
CA TYR F 147 -45.34 34.31 10.39
C TYR F 147 -45.12 34.91 11.77
N PRO F 148 -45.19 36.24 11.87
CA PRO F 148 -45.03 36.92 13.15
C PRO F 148 -46.12 36.51 14.12
N LYS F 149 -47.32 36.34 13.57
CA LYS F 149 -48.48 36.01 14.39
C LYS F 149 -48.99 34.63 14.01
N PHE F 150 -48.18 33.63 14.28
CA PHE F 150 -48.51 32.28 13.87
C PHE F 150 -49.62 31.72 14.71
N ILE F 151 -49.44 31.82 16.02
CA ILE F 151 -50.47 31.39 16.92
C ILE F 151 -50.37 32.18 18.22
N SER F 152 -51.51 32.63 18.72
CA SER F 152 -51.57 33.47 19.92
C SER F 152 -51.28 32.65 21.17
N HIS F 153 -50.88 33.32 22.24
CA HIS F 153 -50.63 32.64 23.51
C HIS F 153 -51.87 31.91 24.06
N GLN F 154 -53.06 32.44 23.79
CA GLN F 154 -54.30 31.82 24.24
C GLN F 154 -54.66 30.59 23.44
N ASP F 155 -54.54 30.66 22.10
CA ASP F 155 -54.85 29.48 21.28
C ASP F 155 -53.91 28.30 21.52
N ILE F 156 -52.65 28.61 21.79
CA ILE F 156 -51.65 27.57 21.96
C ILE F 156 -51.92 26.80 23.24
N ARG F 157 -52.76 27.36 24.09
CA ARG F 157 -53.08 26.70 25.36
C ARG F 157 -54.33 25.81 25.25
N LYS F 158 -54.98 25.87 24.09
CA LYS F 158 -56.07 24.99 23.76
C LYS F 158 -55.52 23.61 23.32
N ARG F 159 -56.42 22.62 23.21
CA ARG F 159 -56.09 21.27 22.71
C ARG F 159 -54.80 20.71 23.33
N ASN F 160 -53.90 20.18 22.51
CA ASN F 160 -52.63 19.68 23.04
C ASN F 160 -51.41 20.18 22.33
N TYR F 161 -51.43 21.43 21.91
CA TYR F 161 -50.27 22.01 21.27
C TYR F 161 -49.12 21.98 22.25
N VAL F 162 -49.42 22.18 23.53
CA VAL F 162 -48.42 21.98 24.58
C VAL F 162 -48.73 20.73 25.40
N ARG F 163 -47.78 19.79 25.46
CA ARG F 163 -47.99 18.58 26.24
C ARG F 163 -46.69 18.08 26.82
N ASP F 164 -46.70 17.70 28.09
CA ASP F 164 -45.48 17.32 28.82
C ASP F 164 -44.42 18.43 28.68
N ASP F 165 -44.89 19.68 28.74
CA ASP F 165 -44.05 20.88 28.67
C ASP F 165 -43.23 20.93 27.39
N ALA F 166 -43.82 20.54 26.27
CA ALA F 166 -43.12 20.64 24.99
C ALA F 166 -44.11 20.90 23.85
N VAL F 167 -43.61 21.53 22.79
CA VAL F 167 -44.34 21.73 21.55
C VAL F 167 -43.54 21.16 20.38
N PHE F 168 -44.24 20.79 19.31
CA PHE F 168 -43.60 20.31 18.10
C PHE F 168 -43.83 21.29 16.94
N ILE F 169 -42.73 21.80 16.38
CA ILE F 169 -42.79 22.63 15.19
C ILE F 169 -42.41 21.79 13.99
N ARG F 170 -43.22 21.82 12.95
CA ARG F 170 -42.91 21.09 11.74
C ARG F 170 -42.76 22.01 10.54
N ALA F 171 -41.69 21.81 9.79
CA ALA F 171 -41.51 22.53 8.55
C ALA F 171 -41.44 21.49 7.45
N ALA F 172 -42.38 21.58 6.53
CA ALA F 172 -42.43 20.69 5.41
C ALA F 172 -42.15 21.47 4.14
N VAL F 173 -41.16 21.00 3.38
CA VAL F 173 -40.79 21.61 2.10
C VAL F 173 -41.24 20.68 0.97
N GLU F 174 -41.93 21.21 -0.03
CA GLU F 174 -42.46 20.38 -1.12
C GLU F 174 -41.34 19.78 -1.94
N LEU F 175 -41.37 18.46 -2.09
CA LEU F 175 -40.39 17.72 -2.89
C LEU F 175 -40.67 17.89 -4.37
N PRO F 176 -39.63 17.95 -5.20
CA PRO F 176 -39.90 17.93 -6.65
C PRO F 176 -40.75 16.73 -6.99
N ARG F 177 -41.65 16.87 -7.97
CA ARG F 177 -42.54 15.78 -8.35
C ARG F 177 -41.69 14.77 -9.09
N LYS F 178 -42.02 13.49 -8.96
CA LYS F 178 -41.18 12.46 -9.60
C LYS F 178 -41.54 12.38 -11.08
N ILE F 179 -40.50 12.31 -11.91
CA ILE F 179 -40.64 12.29 -13.34
C ILE F 179 -40.36 10.89 -13.89
N LEU F 180 -41.40 10.19 -14.34
CA LEU F 180 -41.23 8.86 -14.92
C LEU F 180 -41.34 8.86 -16.44
N ARG G 1 -13.69 3.38 -21.60
CA ARG G 1 -12.23 3.31 -21.73
C ARG G 1 -11.61 2.90 -20.38
N LEU G 2 -12.06 1.77 -19.83
CA LEU G 2 -11.77 1.56 -18.45
C LEU G 2 -10.49 0.73 -18.24
N ARG G 3 -9.76 1.09 -17.18
CA ARG G 3 -8.39 0.67 -16.86
C ARG G 3 -8.19 0.65 -15.35
N ALA G 4 -7.23 -0.14 -14.86
CA ALA G 4 -6.93 -0.18 -13.44
C ALA G 4 -5.85 0.85 -13.06
N ARG G 5 -5.63 0.97 -11.74
CA ARG G 5 -4.58 1.74 -11.04
C ARG G 5 -5.18 2.83 -10.17
N ARG H 1 48.98 -18.72 -32.99
CA ARG H 1 50.13 -17.85 -32.73
C ARG H 1 50.66 -18.19 -31.33
N LEU H 2 50.03 -19.19 -30.74
CA LEU H 2 50.04 -19.30 -29.30
C LEU H 2 51.20 -20.14 -28.77
N ARG H 3 51.73 -19.72 -27.62
CA ARG H 3 53.03 -20.21 -27.18
C ARG H 3 53.28 -20.09 -25.66
N ALA H 4 54.27 -20.81 -25.13
CA ALA H 4 54.60 -20.71 -23.71
C ALA H 4 55.52 -19.54 -23.32
N ARG H 5 55.65 -19.39 -22.00
CA ARG H 5 56.58 -18.54 -21.21
C ARG H 5 55.79 -17.47 -20.49
N ARG I 1 -50.87 36.65 4.24
CA ARG I 1 -50.41 35.81 5.35
C ARG I 1 -48.99 36.18 5.74
N LEU I 2 -48.12 36.05 4.76
CA LEU I 2 -46.69 35.97 4.99
C LEU I 2 -45.91 37.30 4.97
N ARG I 3 -44.84 37.36 5.74
CA ARG I 3 -44.11 38.58 6.03
C ARG I 3 -42.63 38.24 6.20
N ALA I 4 -41.78 39.25 6.08
CA ALA I 4 -40.35 39.09 6.32
C ALA I 4 -40.05 39.37 7.80
N ARG I 5 -38.80 39.10 8.20
CA ARG I 5 -38.17 39.43 9.51
C ARG I 5 -37.83 38.15 10.29
#